data_1K9R
#
_entry.id   1K9R
#
loop_
_entity.id
_entity.type
_entity.pdbx_description
1 polymer '65 kDa Yes-associated protein'
2 polymer 'WW domain binding protein-1'
#
loop_
_entity_poly.entity_id
_entity_poly.type
_entity_poly.pdbx_seq_one_letter_code
_entity_poly.pdbx_strand_id
1 'polypeptide(L)' FEIPDDVPLPAGWEMAKTSSGQRYFLNHIDQTTTWQDPRK A
2 'polypeptide(L)' (ACE)PLPPY B
#
loop_
_chem_comp.id
_chem_comp.type
_chem_comp.name
_chem_comp.formula
ACE non-polymer 'ACETYL GROUP' 'C2 H4 O'
#
# COMPACT_ATOMS: atom_id res chain seq x y z
N PHE A 1 18.44 9.39 0.51
CA PHE A 1 18.65 10.79 0.06
C PHE A 1 17.30 11.47 -0.19
N GLU A 2 16.69 12.02 0.83
CA GLU A 2 15.38 12.70 0.64
C GLU A 2 14.39 11.76 -0.06
N ILE A 3 13.22 12.23 -0.37
CA ILE A 3 12.22 11.37 -1.05
C ILE A 3 12.05 11.79 -2.51
N PRO A 4 11.84 10.82 -3.37
CA PRO A 4 11.66 11.12 -4.81
C PRO A 4 10.31 11.80 -5.06
N ASP A 5 10.06 12.20 -6.28
CA ASP A 5 8.76 12.88 -6.58
C ASP A 5 8.14 12.27 -7.84
N ASP A 6 7.79 11.01 -7.81
CA ASP A 6 7.18 10.38 -9.01
C ASP A 6 5.87 9.68 -8.62
N VAL A 7 5.94 8.48 -8.12
CA VAL A 7 4.70 7.76 -7.73
C VAL A 7 4.94 6.96 -6.44
N PRO A 8 3.95 6.93 -5.58
CA PRO A 8 4.07 6.19 -4.31
C PRO A 8 4.00 4.68 -4.56
N LEU A 9 2.99 4.23 -5.25
CA LEU A 9 2.86 2.77 -5.54
C LEU A 9 2.77 2.54 -7.05
N PRO A 10 3.27 1.42 -7.49
CA PRO A 10 3.25 1.08 -8.94
C PRO A 10 1.83 0.74 -9.39
N ALA A 11 1.70 0.11 -10.53
CA ALA A 11 0.34 -0.25 -11.03
C ALA A 11 -0.24 -1.42 -10.23
N GLY A 12 -1.51 -1.69 -10.36
CA GLY A 12 -2.13 -2.81 -9.61
C GLY A 12 -2.14 -2.48 -8.11
N TRP A 13 -1.93 -1.25 -7.75
CA TRP A 13 -1.93 -0.88 -6.31
C TRP A 13 -3.06 0.09 -6.00
N GLU A 14 -3.70 -0.05 -4.86
CA GLU A 14 -4.82 0.88 -4.53
C GLU A 14 -4.73 1.33 -3.08
N MET A 15 -4.19 2.50 -2.82
CA MET A 15 -4.15 2.97 -1.41
C MET A 15 -5.58 3.12 -0.93
N ALA A 16 -5.93 2.40 0.09
CA ALA A 16 -7.32 2.47 0.61
C ALA A 16 -7.29 2.57 2.13
N LYS A 17 -8.39 2.33 2.79
CA LYS A 17 -8.36 2.43 4.28
C LYS A 17 -8.85 1.13 4.92
N THR A 18 -8.18 0.71 5.95
CA THR A 18 -8.59 -0.55 6.64
C THR A 18 -8.58 -0.35 8.15
N SER A 19 -8.49 -1.43 8.88
CA SER A 19 -8.48 -1.34 10.37
C SER A 19 -9.60 -0.42 10.88
N SER A 20 -9.32 0.85 11.05
CA SER A 20 -10.38 1.78 11.55
C SER A 20 -10.14 3.19 11.01
N GLY A 21 -8.92 3.63 11.01
CA GLY A 21 -8.60 4.99 10.51
C GLY A 21 -7.17 5.03 9.98
N GLN A 22 -6.76 4.00 9.28
CA GLN A 22 -5.36 3.98 8.75
C GLN A 22 -5.39 3.67 7.25
N ARG A 23 -4.60 4.37 6.47
CA ARG A 23 -4.59 4.08 5.00
C ARG A 23 -3.69 2.92 4.69
N TYR A 24 -4.22 1.91 4.07
CA TYR A 24 -3.38 0.75 3.69
C TYR A 24 -3.20 0.77 2.19
N PHE A 25 -2.51 -0.17 1.67
CA PHE A 25 -2.31 -0.19 0.21
C PHE A 25 -2.70 -1.54 -0.34
N LEU A 26 -3.89 -1.58 -0.88
CA LEU A 26 -4.46 -2.83 -1.42
C LEU A 26 -3.62 -3.29 -2.63
N ASN A 27 -2.79 -4.27 -2.41
CA ASN A 27 -1.92 -4.78 -3.51
C ASN A 27 -2.73 -5.68 -4.45
N HIS A 28 -3.08 -5.20 -5.61
CA HIS A 28 -3.86 -6.03 -6.56
C HIS A 28 -2.92 -6.94 -7.34
N ILE A 29 -1.69 -6.52 -7.51
CA ILE A 29 -0.71 -7.35 -8.26
C ILE A 29 -0.64 -8.76 -7.68
N ASP A 30 -0.65 -8.88 -6.38
CA ASP A 30 -0.59 -10.23 -5.74
C ASP A 30 -1.71 -10.39 -4.71
N GLN A 31 -2.73 -9.56 -4.79
CA GLN A 31 -3.86 -9.67 -3.82
C GLN A 31 -3.35 -9.61 -2.37
N THR A 32 -3.23 -8.43 -1.83
CA THR A 32 -2.74 -8.30 -0.41
C THR A 32 -2.96 -6.86 0.07
N THR A 33 -2.67 -6.58 1.31
CA THR A 33 -2.86 -5.19 1.82
C THR A 33 -1.69 -4.80 2.72
N THR A 34 -0.95 -3.80 2.36
CA THR A 34 0.19 -3.38 3.23
C THR A 34 0.00 -1.92 3.65
N TRP A 35 0.33 -1.59 4.87
CA TRP A 35 0.15 -0.18 5.33
C TRP A 35 1.15 0.73 4.60
N GLN A 36 2.33 0.24 4.35
CA GLN A 36 3.34 1.09 3.64
C GLN A 36 3.41 0.70 2.16
N ASP A 37 4.12 1.46 1.37
CA ASP A 37 4.22 1.14 -0.08
C ASP A 37 5.55 0.43 -0.37
N PRO A 38 5.56 -0.35 -1.42
CA PRO A 38 6.79 -1.10 -1.79
C PRO A 38 7.84 -0.14 -2.36
N ARG A 39 7.42 0.99 -2.86
CA ARG A 39 8.39 1.97 -3.43
C ARG A 39 8.21 3.34 -2.77
N LYS A 40 9.25 3.88 -2.20
CA LYS A 40 9.13 5.21 -1.55
C LYS A 40 10.07 6.22 -2.24
C ACE B 1 -5.16 -9.59 11.86
O ACE B 1 -4.84 -10.62 11.29
CH3 ACE B 1 -6.64 -9.24 12.03
H1 ACE B 1 -7.10 -9.13 11.06
H2 ACE B 1 -6.72 -8.30 12.57
H3 ACE B 1 -7.14 -10.02 12.59
N PRO B 2 -4.32 -8.74 12.38
CA PRO B 2 -4.35 -7.32 11.93
C PRO B 2 -4.27 -7.25 10.40
N LEU B 3 -4.37 -6.06 9.86
CA LEU B 3 -4.31 -5.87 8.38
C LEU B 3 -5.47 -6.63 7.68
N PRO B 4 -6.05 -6.00 6.68
CA PRO B 4 -7.19 -6.63 5.97
C PRO B 4 -6.68 -7.75 5.04
N PRO B 5 -7.05 -8.97 5.35
CA PRO B 5 -6.63 -10.11 4.50
C PRO B 5 -7.42 -10.13 3.19
N TYR B 6 -6.80 -9.73 2.11
CA TYR B 6 -7.52 -9.73 0.81
C TYR B 6 -8.18 -11.08 0.54
N PHE A 1 20.82 7.47 -7.13
CA PHE A 1 21.93 7.66 -6.14
C PHE A 1 21.59 6.95 -4.83
N GLU A 2 20.54 7.36 -4.18
CA GLU A 2 20.16 6.71 -2.89
C GLU A 2 18.65 6.52 -2.81
N ILE A 3 18.12 5.58 -3.54
CA ILE A 3 16.64 5.35 -3.51
C ILE A 3 15.89 6.66 -3.80
N PRO A 4 15.50 6.83 -5.04
CA PRO A 4 14.77 8.06 -5.44
C PRO A 4 13.35 8.03 -4.88
N ASP A 5 12.60 9.09 -5.07
CA ASP A 5 11.20 9.12 -4.54
C ASP A 5 10.26 9.68 -5.60
N ASP A 6 9.99 8.94 -6.64
CA ASP A 6 9.08 9.43 -7.70
C ASP A 6 7.64 8.97 -7.42
N VAL A 7 7.32 7.77 -7.78
CA VAL A 7 5.94 7.26 -7.54
C VAL A 7 5.88 6.48 -6.22
N PRO A 8 4.79 6.62 -5.50
CA PRO A 8 4.64 5.91 -4.21
C PRO A 8 4.37 4.42 -4.45
N LEU A 9 3.38 4.11 -5.26
CA LEU A 9 3.08 2.68 -5.53
C LEU A 9 2.97 2.45 -7.04
N PRO A 10 3.41 1.30 -7.49
CA PRO A 10 3.36 0.97 -8.93
C PRO A 10 1.92 0.71 -9.39
N ALA A 11 1.76 0.14 -10.55
CA ALA A 11 0.38 -0.14 -11.06
C ALA A 11 -0.25 -1.30 -10.30
N GLY A 12 -1.52 -1.52 -10.49
CA GLY A 12 -2.21 -2.64 -9.78
C GLY A 12 -2.26 -2.37 -8.28
N TRP A 13 -1.93 -1.17 -7.86
CA TRP A 13 -1.95 -0.86 -6.40
C TRP A 13 -3.07 0.13 -6.07
N GLU A 14 -3.68 0.01 -4.92
CA GLU A 14 -4.77 0.95 -4.56
C GLU A 14 -4.62 1.43 -3.12
N MET A 15 -4.06 2.60 -2.91
CA MET A 15 -3.94 3.12 -1.53
C MET A 15 -5.33 3.46 -1.03
N ALA A 16 -5.72 2.88 0.05
CA ALA A 16 -7.07 3.15 0.61
C ALA A 16 -7.01 2.97 2.12
N LYS A 17 -8.07 2.60 2.78
CA LYS A 17 -7.97 2.45 4.27
C LYS A 17 -8.58 1.14 4.76
N THR A 18 -8.15 0.71 5.91
CA THR A 18 -8.67 -0.57 6.48
C THR A 18 -8.79 -0.45 8.01
N SER A 19 -8.87 -1.57 8.67
CA SER A 19 -8.97 -1.56 10.16
C SER A 19 -10.05 -0.57 10.62
N SER A 20 -9.67 0.66 10.90
CA SER A 20 -10.68 1.67 11.36
C SER A 20 -10.22 3.08 11.00
N GLY A 21 -8.96 3.36 11.18
CA GLY A 21 -8.44 4.71 10.84
C GLY A 21 -6.98 4.61 10.41
N GLN A 22 -6.74 4.07 9.24
CA GLN A 22 -5.33 3.94 8.76
C GLN A 22 -5.31 3.67 7.25
N ARG A 23 -4.49 4.38 6.52
CA ARG A 23 -4.42 4.15 5.04
C ARG A 23 -3.61 2.91 4.73
N TYR A 24 -4.22 1.94 4.15
CA TYR A 24 -3.47 0.73 3.76
C TYR A 24 -3.35 0.70 2.26
N PHE A 25 -2.59 -0.20 1.75
CA PHE A 25 -2.41 -0.25 0.29
C PHE A 25 -2.81 -1.60 -0.23
N LEU A 26 -3.95 -1.64 -0.85
CA LEU A 26 -4.49 -2.91 -1.39
C LEU A 26 -3.77 -3.29 -2.68
N ASN A 27 -3.02 -4.35 -2.64
CA ASN A 27 -2.27 -4.80 -3.85
C ASN A 27 -3.13 -5.76 -4.67
N HIS A 28 -3.59 -5.34 -5.81
CA HIS A 28 -4.43 -6.22 -6.66
C HIS A 28 -3.55 -7.16 -7.50
N ILE A 29 -2.25 -6.98 -7.45
CA ILE A 29 -1.36 -7.89 -8.24
C ILE A 29 -1.06 -9.12 -7.38
N ASP A 30 -0.43 -8.89 -6.26
CA ASP A 30 -0.11 -10.02 -5.34
C ASP A 30 -1.28 -10.25 -4.37
N GLN A 31 -2.39 -9.57 -4.57
CA GLN A 31 -3.54 -9.75 -3.64
C GLN A 31 -3.10 -9.62 -2.18
N THR A 32 -2.84 -8.42 -1.73
CA THR A 32 -2.39 -8.25 -0.32
C THR A 32 -2.62 -6.81 0.15
N THR A 33 -2.41 -6.55 1.42
CA THR A 33 -2.60 -5.17 1.94
C THR A 33 -1.40 -4.74 2.77
N THR A 34 -0.73 -3.70 2.37
CA THR A 34 0.44 -3.23 3.17
C THR A 34 0.17 -1.79 3.64
N TRP A 35 0.33 -1.52 4.90
CA TRP A 35 0.07 -0.14 5.39
C TRP A 35 1.02 0.85 4.70
N GLN A 36 2.29 0.53 4.65
CA GLN A 36 3.26 1.44 3.98
C GLN A 36 3.50 1.00 2.53
N ASP A 37 3.79 1.93 1.67
CA ASP A 37 4.04 1.58 0.24
C ASP A 37 5.09 0.48 0.14
N PRO A 38 5.11 -0.20 -0.99
CA PRO A 38 6.10 -1.29 -1.20
C PRO A 38 7.50 -0.72 -1.38
N ARG A 39 7.60 0.52 -1.78
CA ARG A 39 8.95 1.13 -1.97
C ARG A 39 9.46 1.71 -0.65
N LYS A 40 10.66 2.22 -0.65
CA LYS A 40 11.22 2.80 0.62
C LYS A 40 11.15 4.33 0.57
C ACE B 1 -0.10 -7.32 12.69
O ACE B 1 -0.06 -7.74 11.55
CH3 ACE B 1 0.47 -8.15 13.85
H1 ACE B 1 -0.25 -8.90 14.14
H2 ACE B 1 0.67 -7.50 14.69
H3 ACE B 1 1.39 -8.62 13.53
N PRO B 2 -0.60 -6.17 13.04
CA PRO B 2 -1.87 -5.70 12.38
C PRO B 2 -1.73 -5.74 10.86
N LEU B 3 -2.63 -6.42 10.20
CA LEU B 3 -2.56 -6.51 8.71
C LEU B 3 -3.81 -7.23 8.18
N PRO B 4 -4.65 -6.50 7.46
CA PRO B 4 -5.88 -7.11 6.89
C PRO B 4 -5.52 -8.09 5.76
N PRO B 5 -5.79 -9.35 5.97
CA PRO B 5 -5.49 -10.37 4.93
C PRO B 5 -6.45 -10.23 3.75
N TYR B 6 -5.94 -9.80 2.62
CA TYR B 6 -6.82 -9.65 1.43
C TYR B 6 -7.58 -10.95 1.15
N PHE A 1 17.83 13.41 -1.43
CA PHE A 1 17.50 14.19 -0.21
C PHE A 1 16.02 14.59 -0.20
N GLU A 2 15.66 15.61 -0.93
CA GLU A 2 14.24 16.04 -0.97
C GLU A 2 13.63 15.74 -2.35
N ILE A 3 13.81 14.54 -2.83
CA ILE A 3 13.24 14.19 -4.16
C ILE A 3 11.74 14.53 -4.22
N PRO A 4 11.24 14.74 -5.41
CA PRO A 4 9.81 15.08 -5.59
C PRO A 4 8.93 13.85 -5.32
N ASP A 5 7.68 13.91 -5.67
CA ASP A 5 6.78 12.74 -5.44
C ASP A 5 6.21 12.24 -6.76
N ASP A 6 7.05 11.72 -7.62
CA ASP A 6 6.54 11.21 -8.93
C ASP A 6 5.39 10.22 -8.71
N VAL A 7 5.70 9.02 -8.29
CA VAL A 7 4.62 8.02 -8.07
C VAL A 7 4.90 7.22 -6.78
N PRO A 8 3.88 7.07 -5.96
CA PRO A 8 4.04 6.32 -4.70
C PRO A 8 4.17 4.81 -4.98
N LEU A 9 3.07 4.11 -5.07
CA LEU A 9 3.14 2.64 -5.33
C LEU A 9 3.09 2.38 -6.85
N PRO A 10 3.53 1.22 -7.25
CA PRO A 10 3.54 0.87 -8.69
C PRO A 10 2.11 0.60 -9.19
N ALA A 11 1.98 -0.01 -10.34
CA ALA A 11 0.62 -0.29 -10.90
C ALA A 11 -0.05 -1.43 -10.12
N GLY A 12 -1.31 -1.67 -10.38
CA GLY A 12 -2.02 -2.76 -9.67
C GLY A 12 -2.10 -2.45 -8.16
N TRP A 13 -1.81 -1.24 -7.77
CA TRP A 13 -1.86 -0.90 -6.33
C TRP A 13 -2.98 0.11 -6.05
N GLU A 14 -3.64 0.00 -4.93
CA GLU A 14 -4.73 0.97 -4.62
C GLU A 14 -4.61 1.49 -3.19
N MET A 15 -4.02 2.64 -3.00
CA MET A 15 -3.93 3.18 -1.62
C MET A 15 -5.33 3.54 -1.14
N ALA A 16 -5.73 2.99 -0.05
CA ALA A 16 -7.09 3.28 0.47
C ALA A 16 -7.05 3.09 1.99
N LYS A 17 -8.14 2.76 2.63
CA LYS A 17 -8.07 2.59 4.11
C LYS A 17 -8.61 1.24 4.56
N THR A 18 -8.25 0.83 5.75
CA THR A 18 -8.72 -0.49 6.25
C THR A 18 -9.42 -0.34 7.60
N SER A 19 -9.89 -1.44 8.14
CA SER A 19 -10.59 -1.39 9.45
C SER A 19 -9.62 -1.05 10.58
N SER A 20 -9.45 0.22 10.85
CA SER A 20 -8.52 0.64 11.94
C SER A 20 -8.41 2.16 11.99
N GLY A 21 -8.53 2.80 10.86
CA GLY A 21 -8.43 4.28 10.81
C GLY A 21 -7.09 4.66 10.18
N GLN A 22 -6.57 3.82 9.33
CA GLN A 22 -5.28 4.11 8.67
C GLN A 22 -5.36 3.81 7.17
N ARG A 23 -4.57 4.50 6.38
CA ARG A 23 -4.60 4.25 4.91
C ARG A 23 -3.74 3.05 4.57
N TYR A 24 -4.34 2.03 4.06
CA TYR A 24 -3.54 0.85 3.66
C TYR A 24 -3.40 0.82 2.15
N PHE A 25 -2.66 -0.09 1.66
CA PHE A 25 -2.46 -0.16 0.21
C PHE A 25 -2.87 -1.54 -0.28
N LEU A 26 -4.01 -1.56 -0.91
CA LEU A 26 -4.58 -2.83 -1.41
C LEU A 26 -3.85 -3.25 -2.69
N ASN A 27 -3.09 -4.32 -2.60
CA ASN A 27 -2.31 -4.80 -3.77
C ASN A 27 -3.17 -5.76 -4.59
N HIS A 28 -3.61 -5.35 -5.75
CA HIS A 28 -4.44 -6.23 -6.61
C HIS A 28 -3.55 -7.17 -7.44
N ILE A 29 -2.26 -7.03 -7.35
CA ILE A 29 -1.35 -7.94 -8.12
C ILE A 29 -1.07 -9.17 -7.27
N ASP A 30 -0.47 -8.96 -6.14
CA ASP A 30 -0.17 -10.10 -5.23
C ASP A 30 -1.32 -10.29 -4.24
N GLN A 31 -2.43 -9.62 -4.45
CA GLN A 31 -3.58 -9.76 -3.51
C GLN A 31 -3.12 -9.59 -2.05
N THR A 32 -2.89 -8.39 -1.63
CA THR A 32 -2.43 -8.18 -0.22
C THR A 32 -2.69 -6.74 0.23
N THR A 33 -2.48 -6.46 1.49
CA THR A 33 -2.72 -5.07 2.00
C THR A 33 -1.57 -4.62 2.89
N THR A 34 -0.91 -3.55 2.55
CA THR A 34 0.19 -3.05 3.42
C THR A 34 -0.13 -1.64 3.88
N TRP A 35 0.41 -1.22 4.99
CA TRP A 35 0.11 0.17 5.47
C TRP A 35 1.13 1.15 4.91
N GLN A 36 2.40 0.87 5.10
CA GLN A 36 3.45 1.79 4.57
C GLN A 36 3.54 1.66 3.05
N ASP A 37 4.66 2.03 2.48
CA ASP A 37 4.81 1.93 1.00
C ASP A 37 6.01 1.03 0.65
N PRO A 38 5.86 0.25 -0.39
CA PRO A 38 6.96 -0.66 -0.81
C PRO A 38 8.09 0.14 -1.47
N ARG A 39 7.76 1.20 -2.14
CA ARG A 39 8.82 2.02 -2.80
C ARG A 39 8.59 3.51 -2.51
N LYS A 40 9.64 4.23 -2.19
CA LYS A 40 9.48 5.69 -1.91
C LYS A 40 8.41 5.90 -0.83
C ACE B 1 -1.18 -7.50 12.58
O ACE B 1 -1.16 -7.96 11.46
CH3 ACE B 1 -1.28 -8.42 13.79
H1 ACE B 1 -2.23 -8.27 14.28
H2 ACE B 1 -0.48 -8.18 14.49
H3 ACE B 1 -1.19 -9.45 13.48
N PRO B 2 -1.13 -6.23 12.85
CA PRO B 2 -2.05 -5.29 12.13
C PRO B 2 -1.93 -5.48 10.61
N LEU B 3 -2.90 -6.12 10.02
CA LEU B 3 -2.85 -6.33 8.55
C LEU B 3 -4.15 -7.01 8.07
N PRO B 4 -4.96 -6.27 7.35
CA PRO B 4 -6.24 -6.83 6.85
C PRO B 4 -5.98 -7.84 5.72
N PRO B 5 -6.79 -8.87 5.66
CA PRO B 5 -6.63 -9.92 4.62
C PRO B 5 -7.06 -9.37 3.26
N TYR B 6 -7.27 -10.24 2.30
CA TYR B 6 -7.69 -9.77 0.95
C TYR B 6 -8.19 -10.96 0.13
N PHE A 1 20.69 13.37 3.92
CA PHE A 1 19.96 13.36 5.22
C PHE A 1 18.74 12.43 5.14
N GLU A 2 18.94 11.16 5.38
CA GLU A 2 17.80 10.21 5.32
C GLU A 2 17.06 10.34 3.98
N ILE A 3 16.02 9.59 3.79
CA ILE A 3 15.26 9.68 2.49
C ILE A 3 13.80 10.05 2.77
N PRO A 4 13.23 10.84 1.88
CA PRO A 4 11.82 11.25 2.04
C PRO A 4 10.88 10.08 1.73
N ASP A 5 9.60 10.25 1.96
CA ASP A 5 8.64 9.15 1.68
C ASP A 5 7.68 9.58 0.57
N ASP A 6 8.20 10.02 -0.54
CA ASP A 6 7.31 10.44 -1.67
C ASP A 6 7.10 9.29 -2.64
N VAL A 7 7.95 8.31 -2.63
CA VAL A 7 7.81 7.15 -3.56
C VAL A 7 6.39 6.57 -3.44
N PRO A 8 5.60 6.74 -4.48
CA PRO A 8 4.22 6.21 -4.47
C PRO A 8 4.22 4.70 -4.71
N LEU A 9 3.13 4.16 -5.15
CA LEU A 9 3.08 2.69 -5.40
C LEU A 9 3.03 2.42 -6.92
N PRO A 10 3.50 1.26 -7.30
CA PRO A 10 3.51 0.89 -8.74
C PRO A 10 2.09 0.62 -9.25
N ALA A 11 1.96 0.00 -10.39
CA ALA A 11 0.61 -0.30 -10.94
C ALA A 11 -0.05 -1.45 -10.17
N GLY A 12 -1.31 -1.69 -10.41
CA GLY A 12 -2.01 -2.79 -9.70
C GLY A 12 -2.09 -2.48 -8.19
N TRP A 13 -1.80 -1.26 -7.81
CA TRP A 13 -1.86 -0.91 -6.35
C TRP A 13 -2.98 0.08 -6.08
N GLU A 14 -3.61 -0.01 -4.95
CA GLU A 14 -4.72 0.95 -4.64
C GLU A 14 -4.61 1.47 -3.21
N MET A 15 -4.01 2.61 -3.00
CA MET A 15 -3.92 3.15 -1.62
C MET A 15 -5.32 3.51 -1.16
N ALA A 16 -5.73 2.97 -0.06
CA ALA A 16 -7.10 3.26 0.45
C ALA A 16 -7.08 3.10 1.97
N LYS A 17 -8.16 2.74 2.60
CA LYS A 17 -8.11 2.60 4.08
C LYS A 17 -8.65 1.24 4.54
N THR A 18 -8.28 0.85 5.74
CA THR A 18 -8.76 -0.47 6.25
C THR A 18 -9.44 -0.31 7.61
N SER A 19 -9.91 -1.40 8.16
CA SER A 19 -10.60 -1.34 9.49
C SER A 19 -9.59 -1.03 10.60
N SER A 20 -9.38 0.23 10.89
CA SER A 20 -8.41 0.60 11.96
C SER A 20 -8.32 2.13 12.06
N GLY A 21 -8.44 2.80 10.95
CA GLY A 21 -8.35 4.28 10.97
C GLY A 21 -7.05 4.70 10.27
N GLN A 22 -6.56 3.89 9.37
CA GLN A 22 -5.30 4.24 8.67
C GLN A 22 -5.39 3.88 7.18
N ARG A 23 -4.63 4.54 6.36
CA ARG A 23 -4.68 4.26 4.90
C ARG A 23 -3.80 3.06 4.57
N TYR A 24 -4.38 2.03 4.05
CA TYR A 24 -3.58 0.85 3.68
C TYR A 24 -3.43 0.83 2.17
N PHE A 25 -2.68 -0.09 1.68
CA PHE A 25 -2.47 -0.15 0.23
C PHE A 25 -2.87 -1.52 -0.28
N LEU A 26 -4.02 -1.56 -0.90
CA LEU A 26 -4.58 -2.83 -1.41
C LEU A 26 -3.84 -3.24 -2.68
N ASN A 27 -3.08 -4.30 -2.60
CA ASN A 27 -2.31 -4.78 -3.78
C ASN A 27 -3.16 -5.75 -4.60
N HIS A 28 -3.58 -5.33 -5.77
CA HIS A 28 -4.41 -6.22 -6.64
C HIS A 28 -3.51 -7.17 -7.45
N ILE A 29 -2.21 -7.02 -7.35
CA ILE A 29 -1.30 -7.94 -8.11
C ILE A 29 -1.03 -9.16 -7.25
N ASP A 30 -0.41 -8.94 -6.13
CA ASP A 30 -0.11 -10.06 -5.20
C ASP A 30 -1.28 -10.27 -4.24
N GLN A 31 -2.38 -9.59 -4.45
CA GLN A 31 -3.56 -9.75 -3.54
C GLN A 31 -3.12 -9.59 -2.09
N THR A 32 -2.89 -8.38 -1.65
CA THR A 32 -2.46 -8.19 -0.23
C THR A 32 -2.72 -6.75 0.23
N THR A 33 -2.55 -6.48 1.49
CA THR A 33 -2.78 -5.10 2.01
C THR A 33 -1.61 -4.66 2.89
N THR A 34 -0.95 -3.60 2.53
CA THR A 34 0.17 -3.11 3.37
C THR A 34 -0.13 -1.69 3.84
N TRP A 35 0.36 -1.30 4.98
CA TRP A 35 0.06 0.08 5.47
C TRP A 35 1.09 1.07 4.90
N GLN A 36 2.34 0.71 4.90
CA GLN A 36 3.39 1.63 4.36
C GLN A 36 3.41 1.54 2.83
N ASP A 37 4.53 1.87 2.23
CA ASP A 37 4.61 1.81 0.75
C ASP A 37 5.86 1.03 0.32
N PRO A 38 5.74 0.28 -0.75
CA PRO A 38 6.88 -0.52 -1.25
C PRO A 38 7.92 0.39 -1.89
N ARG A 39 8.92 -0.18 -2.51
CA ARG A 39 9.97 0.65 -3.17
C ARG A 39 10.54 1.66 -2.17
N LYS A 40 11.43 1.22 -1.31
CA LYS A 40 12.02 2.16 -0.32
C LYS A 40 10.92 2.88 0.46
C ACE B 1 0.85 -5.97 11.78
O ACE B 1 1.58 -5.23 11.14
CH3 ACE B 1 1.19 -7.46 11.94
H1 ACE B 1 0.75 -8.01 11.12
H2 ACE B 1 0.79 -7.82 12.88
H3 ACE B 1 2.25 -7.59 11.93
N PRO B 2 -0.25 -5.58 12.37
CA PRO B 2 -1.56 -6.12 11.90
C PRO B 2 -1.72 -5.91 10.40
N LEU B 3 -2.75 -6.45 9.81
CA LEU B 3 -2.95 -6.29 8.34
C LEU B 3 -4.30 -6.91 7.93
N PRO B 4 -5.09 -6.16 7.20
CA PRO B 4 -6.41 -6.66 6.75
C PRO B 4 -6.23 -7.70 5.64
N PRO B 5 -7.16 -8.64 5.58
CA PRO B 5 -7.09 -9.69 4.54
C PRO B 5 -7.44 -9.11 3.16
N TYR B 6 -7.75 -9.95 2.22
CA TYR B 6 -8.11 -9.45 0.86
C TYR B 6 -9.18 -10.35 0.23
N PHE A 1 22.23 12.66 -2.15
CA PHE A 1 21.93 11.60 -3.15
C PHE A 1 20.46 11.18 -3.04
N GLU A 2 20.04 10.77 -1.87
CA GLU A 2 18.62 10.34 -1.70
C GLU A 2 18.26 9.27 -2.73
N ILE A 3 17.00 8.98 -2.89
CA ILE A 3 16.58 7.95 -3.88
C ILE A 3 16.53 8.56 -5.29
N PRO A 4 16.91 7.77 -6.27
CA PRO A 4 16.90 8.26 -7.67
C PRO A 4 15.47 8.41 -8.19
N ASP A 5 14.89 7.37 -8.72
CA ASP A 5 13.49 7.48 -9.24
C ASP A 5 12.53 7.78 -8.09
N ASP A 6 12.63 7.05 -7.01
CA ASP A 6 11.72 7.30 -5.85
C ASP A 6 10.26 7.29 -6.32
N VAL A 7 9.83 6.22 -6.92
CA VAL A 7 8.42 6.15 -7.41
C VAL A 7 7.52 5.54 -6.31
N PRO A 8 6.31 6.05 -6.22
CA PRO A 8 5.36 5.54 -5.21
C PRO A 8 4.89 4.12 -5.59
N LEU A 9 3.77 3.70 -5.06
CA LEU A 9 3.26 2.34 -5.40
C LEU A 9 3.19 2.17 -6.93
N PRO A 10 3.60 1.02 -7.40
CA PRO A 10 3.58 0.75 -8.86
C PRO A 10 2.14 0.54 -9.35
N ALA A 11 1.98 -0.04 -10.51
CA ALA A 11 0.61 -0.27 -11.05
C ALA A 11 -0.06 -1.43 -10.30
N GLY A 12 -1.32 -1.65 -10.55
CA GLY A 12 -2.04 -2.76 -9.86
C GLY A 12 -2.10 -2.49 -8.35
N TRP A 13 -1.80 -1.29 -7.93
CA TRP A 13 -1.85 -0.97 -6.48
C TRP A 13 -2.98 0.02 -6.16
N GLU A 14 -3.57 -0.10 -5.00
CA GLU A 14 -4.69 0.83 -4.67
C GLU A 14 -4.60 1.30 -3.21
N MET A 15 -4.04 2.46 -2.96
CA MET A 15 -3.99 2.92 -1.55
C MET A 15 -5.43 3.10 -1.07
N ALA A 16 -5.80 2.39 -0.06
CA ALA A 16 -7.19 2.51 0.45
C ALA A 16 -7.15 2.60 1.97
N LYS A 17 -8.27 2.42 2.62
CA LYS A 17 -8.25 2.52 4.11
C LYS A 17 -8.79 1.25 4.76
N THR A 18 -8.20 0.84 5.84
CA THR A 18 -8.67 -0.39 6.53
C THR A 18 -8.71 -0.17 8.05
N SER A 19 -8.70 -1.23 8.79
CA SER A 19 -8.73 -1.12 10.29
C SER A 19 -9.78 -0.09 10.74
N SER A 20 -9.54 0.58 11.84
CA SER A 20 -10.52 1.59 12.32
C SER A 20 -10.15 2.98 11.81
N GLY A 21 -8.95 3.15 11.33
CA GLY A 21 -8.53 4.48 10.81
C GLY A 21 -7.06 4.42 10.39
N GLN A 22 -6.80 4.07 9.16
CA GLN A 22 -5.39 3.99 8.68
C GLN A 22 -5.35 3.70 7.18
N ARG A 23 -4.52 4.40 6.45
CA ARG A 23 -4.45 4.16 4.98
C ARG A 23 -3.62 2.93 4.68
N TYR A 24 -4.20 1.96 4.04
CA TYR A 24 -3.41 0.76 3.67
C TYR A 24 -3.25 0.73 2.17
N PHE A 25 -2.52 -0.19 1.67
CA PHE A 25 -2.30 -0.25 0.20
C PHE A 25 -2.68 -1.62 -0.31
N LEU A 26 -3.82 -1.69 -0.93
CA LEU A 26 -4.32 -2.99 -1.44
C LEU A 26 -3.64 -3.33 -2.77
N ASN A 27 -2.80 -4.33 -2.74
CA ASN A 27 -2.08 -4.74 -3.98
C ASN A 27 -2.97 -5.67 -4.79
N HIS A 28 -3.40 -5.24 -5.95
CA HIS A 28 -4.27 -6.09 -6.81
C HIS A 28 -3.42 -7.11 -7.57
N ILE A 29 -2.13 -6.93 -7.61
CA ILE A 29 -1.26 -7.91 -8.32
C ILE A 29 -0.94 -9.04 -7.36
N ASP A 30 -0.37 -8.70 -6.24
CA ASP A 30 -0.04 -9.72 -5.21
C ASP A 30 -1.22 -9.88 -4.23
N GLN A 31 -2.38 -9.37 -4.59
CA GLN A 31 -3.59 -9.45 -3.71
C GLN A 31 -3.24 -9.35 -2.23
N THR A 32 -2.96 -8.16 -1.75
CA THR A 32 -2.60 -8.03 -0.29
C THR A 32 -2.87 -6.61 0.22
N THR A 33 -2.87 -6.43 1.51
CA THR A 33 -3.11 -5.07 2.09
C THR A 33 -1.93 -4.64 2.95
N THR A 34 -1.02 -3.86 2.41
CA THR A 34 0.14 -3.43 3.23
C THR A 34 -0.04 -1.96 3.64
N TRP A 35 0.26 -1.64 4.87
CA TRP A 35 0.08 -0.22 5.32
C TRP A 35 1.08 0.68 4.59
N GLN A 36 2.28 0.23 4.39
CA GLN A 36 3.29 1.06 3.69
C GLN A 36 3.26 0.77 2.18
N ASP A 37 4.28 1.19 1.47
CA ASP A 37 4.31 0.95 0.00
C ASP A 37 5.41 -0.05 -0.35
N PRO A 38 5.28 -0.67 -1.50
CA PRO A 38 6.30 -1.66 -1.95
C PRO A 38 7.60 -0.95 -2.34
N ARG A 39 7.51 0.13 -3.07
CA ARG A 39 8.73 0.86 -3.50
C ARG A 39 8.68 2.31 -2.99
N LYS A 40 8.67 2.49 -1.70
CA LYS A 40 8.63 3.88 -1.15
C LYS A 40 7.46 4.65 -1.76
C ACE B 1 -3.71 -8.59 12.36
O ACE B 1 -3.72 -9.04 11.24
CH3 ACE B 1 -4.65 -9.13 13.44
H1 ACE B 1 -5.15 -8.31 13.94
H2 ACE B 1 -4.08 -9.70 14.16
H3 ACE B 1 -5.39 -9.77 12.98
N PRO B 2 -2.92 -7.61 12.75
CA PRO B 2 -3.28 -6.21 12.45
C PRO B 2 -3.58 -6.03 10.96
N LEU B 3 -2.69 -6.47 10.12
CA LEU B 3 -2.91 -6.33 8.65
C LEU B 3 -4.29 -6.90 8.26
N PRO B 4 -5.05 -6.13 7.52
CA PRO B 4 -6.40 -6.60 7.10
C PRO B 4 -6.30 -7.72 6.05
N PRO B 5 -7.11 -8.74 6.21
CA PRO B 5 -7.10 -9.86 5.26
C PRO B 5 -7.79 -9.46 3.95
N TYR B 6 -7.11 -9.58 2.84
CA TYR B 6 -7.75 -9.20 1.54
C TYR B 6 -9.08 -9.93 1.38
N PHE A 1 17.22 8.68 4.64
CA PHE A 1 17.58 7.28 4.26
C PHE A 1 16.36 6.58 3.65
N GLU A 2 15.88 7.06 2.54
CA GLU A 2 14.70 6.42 1.89
C GLU A 2 14.39 7.09 0.55
N ILE A 3 15.02 6.63 -0.50
CA ILE A 3 14.76 7.24 -1.84
C ILE A 3 13.31 7.01 -2.26
N PRO A 4 12.54 8.07 -2.33
CA PRO A 4 11.12 7.96 -2.72
C PRO A 4 10.99 7.70 -4.23
N ASP A 5 12.06 7.88 -4.97
CA ASP A 5 12.01 7.63 -6.44
C ASP A 5 10.77 8.31 -7.07
N ASP A 6 10.28 9.35 -6.45
CA ASP A 6 9.09 10.07 -7.00
C ASP A 6 7.94 9.09 -7.24
N VAL A 7 7.95 7.95 -6.60
CA VAL A 7 6.85 6.96 -6.79
C VAL A 7 6.56 6.21 -5.49
N PRO A 8 5.34 6.28 -5.03
CA PRO A 8 4.96 5.59 -3.78
C PRO A 8 4.68 4.11 -4.04
N LEU A 9 3.71 3.81 -4.87
CA LEU A 9 3.39 2.39 -5.17
C LEU A 9 3.37 2.17 -6.69
N PRO A 10 3.76 0.98 -7.11
CA PRO A 10 3.78 0.67 -8.56
C PRO A 10 2.36 0.48 -9.10
N ALA A 11 2.21 -0.12 -10.24
CA ALA A 11 0.85 -0.33 -10.82
C ALA A 11 0.12 -1.46 -10.08
N GLY A 12 -1.15 -1.63 -10.36
CA GLY A 12 -1.93 -2.70 -9.67
C GLY A 12 -2.02 -2.40 -8.18
N TRP A 13 -1.69 -1.21 -7.76
CA TRP A 13 -1.77 -0.87 -6.32
C TRP A 13 -2.86 0.17 -6.06
N GLU A 14 -3.54 0.06 -4.95
CA GLU A 14 -4.61 1.07 -4.65
C GLU A 14 -4.51 1.58 -3.22
N MET A 15 -3.87 2.71 -3.00
CA MET A 15 -3.79 3.25 -1.62
C MET A 15 -5.19 3.65 -1.18
N ALA A 16 -5.64 3.13 -0.09
CA ALA A 16 -7.00 3.48 0.39
C ALA A 16 -7.03 3.34 1.91
N LYS A 17 -7.89 2.51 2.48
CA LYS A 17 -7.87 2.40 3.97
C LYS A 17 -8.51 1.09 4.45
N THR A 18 -8.24 0.76 5.69
CA THR A 18 -8.81 -0.50 6.25
C THR A 18 -9.20 -0.29 7.72
N SER A 19 -9.31 -1.35 8.46
CA SER A 19 -9.69 -1.23 9.90
C SER A 19 -8.76 -0.24 10.60
N SER A 20 -9.08 0.14 11.82
CA SER A 20 -8.23 1.10 12.60
C SER A 20 -8.30 2.52 12.03
N GLY A 21 -9.06 2.73 10.98
CA GLY A 21 -9.14 4.10 10.40
C GLY A 21 -7.77 4.53 9.89
N GLN A 22 -7.01 3.62 9.32
CA GLN A 22 -5.67 3.98 8.81
C GLN A 22 -5.59 3.70 7.31
N ARG A 23 -4.74 4.42 6.60
CA ARG A 23 -4.64 4.18 5.14
C ARG A 23 -3.92 2.87 4.87
N TYR A 24 -4.40 2.13 3.93
CA TYR A 24 -3.72 0.87 3.58
C TYR A 24 -3.56 0.82 2.07
N PHE A 25 -2.79 -0.11 1.62
CA PHE A 25 -2.54 -0.19 0.17
C PHE A 25 -2.94 -1.55 -0.33
N LEU A 26 -4.04 -1.57 -1.02
CA LEU A 26 -4.60 -2.83 -1.56
C LEU A 26 -3.82 -3.27 -2.80
N ASN A 27 -3.12 -4.36 -2.70
CA ASN A 27 -2.31 -4.86 -3.84
C ASN A 27 -3.15 -5.82 -4.69
N HIS A 28 -3.56 -5.39 -5.85
CA HIS A 28 -4.39 -6.27 -6.73
C HIS A 28 -3.49 -7.23 -7.54
N ILE A 29 -2.19 -7.12 -7.39
CA ILE A 29 -1.28 -8.03 -8.15
C ILE A 29 -1.04 -9.26 -7.29
N ASP A 30 -0.45 -9.07 -6.15
CA ASP A 30 -0.19 -10.22 -5.24
C ASP A 30 -1.36 -10.40 -4.26
N GLN A 31 -2.46 -9.72 -4.50
CA GLN A 31 -3.63 -9.85 -3.59
C GLN A 31 -3.21 -9.66 -2.13
N THR A 32 -2.96 -8.45 -1.72
CA THR A 32 -2.53 -8.23 -0.30
C THR A 32 -2.79 -6.78 0.12
N THR A 33 -2.55 -6.46 1.36
CA THR A 33 -2.77 -5.07 1.84
C THR A 33 -1.67 -4.63 2.80
N THR A 34 -1.01 -3.56 2.51
CA THR A 34 0.06 -3.09 3.44
C THR A 34 -0.30 -1.68 3.92
N TRP A 35 0.29 -1.23 5.01
CA TRP A 35 -0.06 0.13 5.51
C TRP A 35 0.94 1.16 4.97
N GLN A 36 2.12 0.71 4.61
CA GLN A 36 3.14 1.65 4.08
C GLN A 36 3.41 1.36 2.60
N ASP A 37 4.47 1.88 2.06
CA ASP A 37 4.77 1.63 0.62
C ASP A 37 5.73 0.44 0.48
N PRO A 38 5.46 -0.42 -0.47
CA PRO A 38 6.32 -1.61 -0.69
C PRO A 38 7.63 -1.19 -1.35
N ARG A 39 7.56 -0.49 -2.45
CA ARG A 39 8.81 -0.06 -3.14
C ARG A 39 9.54 1.01 -2.31
N LYS A 40 10.54 0.62 -1.57
CA LYS A 40 11.29 1.61 -0.74
C LYS A 40 10.31 2.40 0.14
C ACE B 1 -1.10 -8.15 11.95
O ACE B 1 -2.08 -8.84 12.13
CH3 ACE B 1 0.10 -8.68 11.17
H1 ACE B 1 -0.24 -9.35 10.39
H2 ACE B 1 0.76 -9.22 11.84
H3 ACE B 1 0.64 -7.86 10.72
N PRO B 2 -0.98 -6.93 12.40
CA PRO B 2 -1.90 -5.88 11.88
C PRO B 2 -1.90 -5.85 10.36
N LEU B 3 -2.89 -6.45 9.74
CA LEU B 3 -2.95 -6.46 8.25
C LEU B 3 -4.26 -7.11 7.78
N PRO B 4 -5.05 -6.35 7.05
CA PRO B 4 -6.34 -6.90 6.54
C PRO B 4 -6.09 -7.89 5.41
N PRO B 5 -6.93 -8.91 5.36
CA PRO B 5 -6.78 -9.94 4.31
C PRO B 5 -7.22 -9.38 2.94
N TYR B 6 -7.37 -10.23 1.96
CA TYR B 6 -7.80 -9.75 0.62
C TYR B 6 -8.32 -10.91 -0.22
N PHE A 1 21.53 0.09 -5.37
CA PHE A 1 20.60 0.83 -6.27
C PHE A 1 19.94 1.99 -5.52
N GLU A 2 19.68 3.08 -6.20
CA GLU A 2 19.05 4.25 -5.52
C GLU A 2 17.66 4.50 -6.11
N ILE A 3 16.77 5.05 -5.33
CA ILE A 3 15.39 5.33 -5.85
C ILE A 3 14.99 6.78 -5.53
N PRO A 4 14.26 7.38 -6.43
CA PRO A 4 13.81 8.78 -6.23
C PRO A 4 12.71 8.84 -5.16
N ASP A 5 12.18 10.00 -4.90
CA ASP A 5 11.10 10.12 -3.87
C ASP A 5 9.87 10.79 -4.49
N ASP A 6 9.49 10.38 -5.67
CA ASP A 6 8.29 10.99 -6.31
C ASP A 6 7.35 9.89 -6.84
N VAL A 7 7.91 8.86 -7.42
CA VAL A 7 7.05 7.76 -7.95
C VAL A 7 6.34 7.03 -6.80
N PRO A 8 5.03 7.17 -6.74
CA PRO A 8 4.26 6.51 -5.66
C PRO A 8 4.13 5.01 -5.95
N LEU A 9 3.15 4.36 -5.36
CA LEU A 9 2.98 2.90 -5.60
C LEU A 9 2.90 2.62 -7.10
N PRO A 10 3.40 1.47 -7.49
CA PRO A 10 3.39 1.10 -8.93
C PRO A 10 1.98 0.75 -9.40
N ALA A 11 1.85 0.11 -10.54
CA ALA A 11 0.50 -0.26 -11.04
C ALA A 11 -0.09 -1.41 -10.24
N GLY A 12 -1.35 -1.70 -10.43
CA GLY A 12 -1.99 -2.81 -9.67
C GLY A 12 -2.04 -2.48 -8.18
N TRP A 13 -1.78 -1.24 -7.82
CA TRP A 13 -1.80 -0.87 -6.38
C TRP A 13 -2.94 0.11 -6.09
N GLU A 14 -3.57 0.02 -4.95
CA GLU A 14 -4.67 0.96 -4.63
C GLU A 14 -4.61 1.42 -3.17
N MET A 15 -4.05 2.57 -2.91
CA MET A 15 -4.01 3.05 -1.51
C MET A 15 -5.45 3.24 -1.05
N ALA A 16 -5.82 2.55 -0.03
CA ALA A 16 -7.21 2.67 0.46
C ALA A 16 -7.21 2.73 1.99
N LYS A 17 -8.31 2.47 2.64
CA LYS A 17 -8.31 2.55 4.12
C LYS A 17 -8.86 1.28 4.75
N THR A 18 -8.23 0.83 5.81
CA THR A 18 -8.69 -0.41 6.48
C THR A 18 -8.69 -0.22 8.00
N SER A 19 -8.66 -1.30 8.72
CA SER A 19 -8.65 -1.22 10.22
C SER A 19 -9.69 -0.20 10.71
N SER A 20 -9.43 0.44 11.83
CA SER A 20 -10.40 1.44 12.35
C SER A 20 -10.06 2.85 11.82
N GLY A 21 -8.88 3.03 11.29
CA GLY A 21 -8.50 4.37 10.77
C GLY A 21 -7.04 4.35 10.32
N GLN A 22 -6.79 4.05 9.08
CA GLN A 22 -5.39 4.02 8.57
C GLN A 22 -5.38 3.73 7.06
N ARG A 23 -4.57 4.44 6.31
CA ARG A 23 -4.53 4.19 4.85
C ARG A 23 -3.66 2.98 4.54
N TYR A 24 -4.25 1.96 4.00
CA TYR A 24 -3.44 0.78 3.63
C TYR A 24 -3.25 0.79 2.13
N PHE A 25 -2.53 -0.13 1.63
CA PHE A 25 -2.30 -0.16 0.17
C PHE A 25 -2.71 -1.52 -0.37
N LEU A 26 -3.88 -1.55 -0.93
CA LEU A 26 -4.44 -2.80 -1.48
C LEU A 26 -3.67 -3.22 -2.73
N ASN A 27 -2.88 -4.26 -2.62
CA ASN A 27 -2.09 -4.73 -3.79
C ASN A 27 -2.95 -5.63 -4.68
N HIS A 28 -3.34 -5.15 -5.82
CA HIS A 28 -4.17 -5.98 -6.74
C HIS A 28 -3.29 -6.92 -7.56
N ILE A 29 -2.00 -6.89 -7.35
CA ILE A 29 -1.10 -7.82 -8.10
C ILE A 29 -0.92 -9.08 -7.29
N ASP A 30 -0.40 -8.95 -6.11
CA ASP A 30 -0.21 -10.13 -5.23
C ASP A 30 -1.43 -10.31 -4.32
N GLN A 31 -2.50 -9.59 -4.58
CA GLN A 31 -3.73 -9.72 -3.73
C GLN A 31 -3.36 -9.59 -2.25
N THR A 32 -3.08 -8.39 -1.80
CA THR A 32 -2.72 -8.22 -0.36
C THR A 32 -2.94 -6.77 0.09
N THR A 33 -2.72 -6.48 1.34
CA THR A 33 -2.91 -5.10 1.84
C THR A 33 -1.75 -4.70 2.76
N THR A 34 -0.95 -3.75 2.35
CA THR A 34 0.17 -3.32 3.23
C THR A 34 -0.03 -1.86 3.64
N TRP A 35 0.25 -1.53 4.86
CA TRP A 35 0.05 -0.12 5.31
C TRP A 35 1.04 0.79 4.58
N GLN A 36 2.21 0.29 4.25
CA GLN A 36 3.21 1.13 3.54
C GLN A 36 3.13 0.88 2.04
N ASP A 37 4.18 1.21 1.32
CA ASP A 37 4.17 0.98 -0.16
C ASP A 37 5.41 0.18 -0.58
N PRO A 38 5.33 -0.42 -1.74
CA PRO A 38 6.47 -1.23 -2.25
C PRO A 38 7.61 -0.31 -2.70
N ARG A 39 8.52 -0.82 -3.48
CA ARG A 39 9.67 0.01 -3.96
C ARG A 39 10.44 0.61 -2.77
N LYS A 40 10.00 1.74 -2.27
CA LYS A 40 10.72 2.36 -1.12
C LYS A 40 10.82 1.36 0.04
C ACE B 1 -4.09 -9.42 11.48
O ACE B 1 -4.51 -9.97 10.47
CH3 ACE B 1 -4.21 -10.11 12.84
H1 ACE B 1 -3.46 -9.71 13.50
H2 ACE B 1 -4.07 -11.17 12.72
H3 ACE B 1 -5.19 -9.91 13.26
N PRO B 2 -3.53 -8.25 11.49
CA PRO B 2 -4.36 -7.05 11.75
C PRO B 2 -4.82 -6.40 10.44
N LEU B 3 -3.94 -6.33 9.48
CA LEU B 3 -4.32 -5.70 8.17
C LEU B 3 -5.48 -6.50 7.53
N PRO B 4 -6.13 -5.88 6.57
CA PRO B 4 -7.27 -6.54 5.88
C PRO B 4 -6.76 -7.66 4.97
N PRO B 5 -7.36 -8.83 5.09
CA PRO B 5 -6.94 -9.97 4.25
C PRO B 5 -7.67 -9.93 2.90
N TYR B 6 -7.69 -8.79 2.25
CA TYR B 6 -8.39 -8.67 0.93
C TYR B 6 -9.77 -9.32 0.99
N PHE A 1 17.59 8.98 5.42
CA PHE A 1 17.40 9.49 4.04
C PHE A 1 15.95 9.91 3.82
N GLU A 2 15.68 11.19 3.90
CA GLU A 2 14.29 11.67 3.70
C GLU A 2 13.93 11.65 2.21
N ILE A 3 12.96 10.85 1.84
CA ILE A 3 12.57 10.78 0.40
C ILE A 3 11.30 11.60 0.16
N PRO A 4 11.23 12.22 -1.00
CA PRO A 4 10.04 13.05 -1.33
C PRO A 4 8.84 12.15 -1.63
N ASP A 5 7.78 12.70 -2.18
CA ASP A 5 6.58 11.89 -2.48
C ASP A 5 6.33 11.87 -3.99
N ASP A 6 7.28 11.43 -4.76
CA ASP A 6 7.09 11.39 -6.24
C ASP A 6 6.32 10.13 -6.64
N VAL A 7 6.98 9.02 -6.73
CA VAL A 7 6.28 7.76 -7.11
C VAL A 7 5.91 6.96 -5.86
N PRO A 8 4.64 6.91 -5.56
CA PRO A 8 4.18 6.16 -4.37
C PRO A 8 4.15 4.65 -4.66
N LEU A 9 3.07 4.15 -5.22
CA LEU A 9 3.00 2.69 -5.53
C LEU A 9 2.90 2.48 -7.04
N PRO A 10 3.34 1.33 -7.49
CA PRO A 10 3.30 1.01 -8.93
C PRO A 10 1.86 0.75 -9.39
N ALA A 11 1.70 0.13 -10.54
CA ALA A 11 0.33 -0.14 -11.05
C ALA A 11 -0.31 -1.30 -10.27
N GLY A 12 -1.58 -1.55 -10.48
CA GLY A 12 -2.26 -2.66 -9.76
C GLY A 12 -2.28 -2.37 -8.26
N TRP A 13 -2.00 -1.15 -7.86
CA TRP A 13 -2.00 -0.82 -6.41
C TRP A 13 -3.11 0.17 -6.08
N GLU A 14 -3.72 0.04 -4.93
CA GLU A 14 -4.81 0.99 -4.57
C GLU A 14 -4.66 1.48 -3.13
N MET A 15 -4.08 2.64 -2.93
CA MET A 15 -3.95 3.14 -1.54
C MET A 15 -5.34 3.50 -1.02
N ALA A 16 -5.73 2.90 0.05
CA ALA A 16 -7.08 3.18 0.62
C ALA A 16 -7.00 2.98 2.13
N LYS A 17 -8.06 2.59 2.80
CA LYS A 17 -7.94 2.42 4.28
C LYS A 17 -8.53 1.11 4.77
N THR A 18 -8.10 0.69 5.93
CA THR A 18 -8.62 -0.60 6.49
C THR A 18 -8.84 -0.46 8.00
N SER A 19 -8.98 -1.56 8.68
CA SER A 19 -9.18 -1.52 10.16
C SER A 19 -10.22 -0.46 10.56
N SER A 20 -9.80 0.74 10.84
CA SER A 20 -10.78 1.79 11.23
C SER A 20 -10.22 3.18 10.94
N GLY A 21 -8.97 3.38 11.22
CA GLY A 21 -8.35 4.72 10.96
C GLY A 21 -6.89 4.52 10.52
N GLN A 22 -6.68 4.04 9.33
CA GLN A 22 -5.28 3.83 8.84
C GLN A 22 -5.29 3.58 7.33
N ARG A 23 -4.48 4.31 6.59
CA ARG A 23 -4.45 4.10 5.12
C ARG A 23 -3.61 2.88 4.77
N TYR A 24 -4.21 1.93 4.13
CA TYR A 24 -3.43 0.73 3.73
C TYR A 24 -3.31 0.73 2.22
N PHE A 25 -2.57 -0.18 1.70
CA PHE A 25 -2.39 -0.21 0.24
C PHE A 25 -2.79 -1.58 -0.29
N LEU A 26 -3.94 -1.61 -0.89
CA LEU A 26 -4.49 -2.88 -1.43
C LEU A 26 -3.76 -3.26 -2.72
N ASN A 27 -3.01 -4.33 -2.67
CA ASN A 27 -2.26 -4.79 -3.87
C ASN A 27 -3.11 -5.78 -4.67
N HIS A 28 -3.61 -5.35 -5.79
CA HIS A 28 -4.44 -6.26 -6.63
C HIS A 28 -3.57 -7.18 -7.49
N ILE A 29 -2.27 -7.02 -7.42
CA ILE A 29 -1.37 -7.91 -8.24
C ILE A 29 -1.05 -9.14 -7.39
N ASP A 30 -0.45 -8.92 -6.26
CA ASP A 30 -0.11 -10.05 -5.37
C ASP A 30 -1.18 -10.20 -4.29
N GLN A 31 -2.38 -9.70 -4.57
CA GLN A 31 -3.52 -9.78 -3.59
C GLN A 31 -3.04 -9.63 -2.14
N THR A 32 -2.69 -8.44 -1.73
CA THR A 32 -2.22 -8.25 -0.34
C THR A 32 -2.46 -6.80 0.13
N THR A 33 -2.44 -6.58 1.42
CA THR A 33 -2.65 -5.19 1.93
C THR A 33 -1.46 -4.73 2.77
N THR A 34 -0.75 -3.74 2.34
CA THR A 34 0.41 -3.25 3.14
C THR A 34 0.10 -1.82 3.61
N TRP A 35 0.42 -1.52 4.84
CA TRP A 35 0.13 -0.13 5.33
C TRP A 35 1.09 0.87 4.68
N GLN A 36 2.35 0.55 4.61
CA GLN A 36 3.33 1.47 3.98
C GLN A 36 3.32 1.29 2.46
N ASP A 37 4.36 1.75 1.81
CA ASP A 37 4.42 1.60 0.32
C ASP A 37 5.73 0.93 -0.09
N PRO A 38 5.67 0.16 -1.15
CA PRO A 38 6.88 -0.54 -1.65
C PRO A 38 7.84 0.46 -2.31
N ARG A 39 8.77 -0.03 -3.08
CA ARG A 39 9.74 0.89 -3.76
C ARG A 39 10.40 1.81 -2.73
N LYS A 40 10.99 1.25 -1.71
CA LYS A 40 11.65 2.09 -0.66
C LYS A 40 10.67 3.13 -0.13
C ACE B 1 -0.16 -7.34 13.10
O ACE B 1 -1.00 -8.20 13.26
CH3 ACE B 1 1.33 -7.66 13.25
H1 ACE B 1 1.79 -6.94 13.90
H2 ACE B 1 1.81 -7.62 12.28
H3 ACE B 1 1.45 -8.65 13.67
N PRO B 2 -0.43 -6.10 12.78
CA PRO B 2 -1.77 -5.77 12.23
C PRO B 2 -1.74 -5.77 10.69
N LEU B 3 -2.69 -6.41 10.07
CA LEU B 3 -2.70 -6.44 8.58
C LEU B 3 -3.98 -7.14 8.08
N PRO B 4 -4.78 -6.43 7.31
CA PRO B 4 -6.04 -7.02 6.78
C PRO B 4 -5.73 -8.06 5.70
N PRO B 5 -6.44 -9.15 5.72
CA PRO B 5 -6.23 -10.22 4.71
C PRO B 5 -6.80 -9.80 3.36
N TYR B 6 -6.50 -10.53 2.32
CA TYR B 6 -7.03 -10.17 0.98
C TYR B 6 -6.84 -11.33 0.01
N PHE A 1 15.89 10.73 4.75
CA PHE A 1 17.03 9.91 5.25
C PHE A 1 16.71 8.42 5.11
N GLU A 2 15.76 7.93 5.85
CA GLU A 2 15.42 6.48 5.77
C GLU A 2 14.37 6.26 4.67
N ILE A 3 13.65 7.28 4.30
CA ILE A 3 12.61 7.13 3.25
C ILE A 3 12.95 8.00 2.03
N PRO A 4 13.50 7.40 1.01
CA PRO A 4 13.87 8.15 -0.21
C PRO A 4 12.62 8.56 -0.99
N ASP A 5 12.78 9.07 -2.18
CA ASP A 5 11.61 9.49 -2.97
C ASP A 5 11.64 8.83 -4.36
N ASP A 6 11.98 7.58 -4.43
CA ASP A 6 12.04 6.88 -5.74
C ASP A 6 10.62 6.62 -6.26
N VAL A 7 9.99 5.57 -5.79
CA VAL A 7 8.61 5.27 -6.25
C VAL A 7 7.73 4.82 -5.08
N PRO A 8 6.54 5.35 -4.99
CA PRO A 8 5.63 4.98 -3.89
C PRO A 8 5.07 3.56 -4.09
N LEU A 9 3.98 3.42 -4.81
CA LEU A 9 3.41 2.06 -5.04
C LEU A 9 3.46 1.72 -6.54
N PRO A 10 3.75 0.48 -6.84
CA PRO A 10 3.81 0.05 -8.25
C PRO A 10 2.41 -0.06 -8.85
N ALA A 11 2.31 -0.46 -10.09
CA ALA A 11 0.96 -0.58 -10.73
C ALA A 11 0.14 -1.69 -10.07
N GLY A 12 -1.15 -1.68 -10.25
CA GLY A 12 -2.01 -2.73 -9.65
C GLY A 12 -2.14 -2.50 -8.15
N TRP A 13 -1.87 -1.30 -7.68
CA TRP A 13 -1.98 -1.03 -6.22
C TRP A 13 -3.10 -0.03 -5.95
N GLU A 14 -3.66 -0.04 -4.77
CA GLU A 14 -4.77 0.91 -4.46
C GLU A 14 -4.66 1.45 -3.04
N MET A 15 -4.07 2.61 -2.84
CA MET A 15 -4.00 3.16 -1.47
C MET A 15 -5.41 3.40 -0.97
N ALA A 16 -5.74 2.85 0.16
CA ALA A 16 -7.10 3.03 0.72
C ALA A 16 -7.03 2.96 2.25
N LYS A 17 -7.87 2.20 2.90
CA LYS A 17 -7.78 2.13 4.39
C LYS A 17 -8.27 0.80 4.94
N THR A 18 -7.89 0.51 6.16
CA THR A 18 -8.32 -0.78 6.79
C THR A 18 -8.67 -0.55 8.25
N SER A 19 -8.99 -1.61 8.94
CA SER A 19 -9.34 -1.52 10.40
C SER A 19 -10.26 -0.31 10.67
N SER A 20 -9.73 0.83 10.98
CA SER A 20 -10.59 2.02 11.26
C SER A 20 -10.25 3.16 10.30
N GLY A 21 -9.22 3.91 10.59
CA GLY A 21 -8.85 5.04 9.71
C GLY A 21 -7.43 4.84 9.16
N GLN A 22 -6.65 3.98 9.76
CA GLN A 22 -5.27 3.74 9.26
C GLN A 22 -5.27 3.48 7.75
N ARG A 23 -4.46 4.19 7.01
CA ARG A 23 -4.44 3.98 5.54
C ARG A 23 -3.68 2.70 5.19
N TYR A 24 -4.20 1.95 4.28
CA TYR A 24 -3.49 0.73 3.83
C TYR A 24 -3.48 0.71 2.33
N PHE A 25 -2.71 -0.14 1.78
CA PHE A 25 -2.61 -0.17 0.31
C PHE A 25 -2.98 -1.55 -0.21
N LEU A 26 -4.13 -1.60 -0.83
CA LEU A 26 -4.68 -2.86 -1.38
C LEU A 26 -4.12 -3.11 -2.78
N ASN A 27 -3.34 -4.14 -2.95
CA ASN A 27 -2.77 -4.40 -4.30
C ASN A 27 -3.38 -5.66 -4.90
N HIS A 28 -3.83 -5.58 -6.12
CA HIS A 28 -4.43 -6.77 -6.79
C HIS A 28 -3.33 -7.59 -7.47
N ILE A 29 -2.25 -6.95 -7.82
CA ILE A 29 -1.12 -7.69 -8.48
C ILE A 29 -0.77 -8.95 -7.68
N ASP A 30 -0.71 -8.82 -6.37
CA ASP A 30 -0.38 -10.00 -5.53
C ASP A 30 -1.49 -10.23 -4.49
N GLN A 31 -2.60 -9.55 -4.63
CA GLN A 31 -3.72 -9.72 -3.65
C GLN A 31 -3.20 -9.58 -2.22
N THR A 32 -2.82 -8.39 -1.82
CA THR A 32 -2.30 -8.21 -0.43
C THR A 32 -2.55 -6.79 0.06
N THR A 33 -2.16 -6.49 1.26
CA THR A 33 -2.37 -5.11 1.81
C THR A 33 -1.18 -4.69 2.66
N THR A 34 -0.59 -3.56 2.37
CA THR A 34 0.56 -3.11 3.22
C THR A 34 0.26 -1.70 3.76
N TRP A 35 0.88 -1.32 4.84
CA TRP A 35 0.60 0.03 5.41
C TRP A 35 1.65 1.03 4.92
N GLN A 36 1.24 2.25 4.65
CA GLN A 36 2.20 3.28 4.17
C GLN A 36 3.07 2.73 3.03
N ASP A 37 2.47 2.46 1.89
CA ASP A 37 3.24 1.93 0.73
C ASP A 37 3.94 0.60 1.08
N PRO A 38 4.12 -0.23 0.08
CA PRO A 38 4.79 -1.54 0.31
C PRO A 38 6.29 -1.35 0.48
N ARG A 39 6.92 -0.67 -0.43
CA ARG A 39 8.38 -0.44 -0.33
C ARG A 39 8.70 0.53 0.81
N LYS A 40 9.85 1.13 0.80
CA LYS A 40 10.21 2.09 1.88
C LYS A 40 11.33 3.03 1.40
C ACE B 1 0.26 -8.06 11.97
O ACE B 1 1.01 -8.43 11.08
CH3 ACE B 1 -0.61 -9.07 12.73
H1 ACE B 1 -1.34 -8.53 13.33
H2 ACE B 1 0.00 -9.68 13.36
H3 ACE B 1 -1.14 -9.69 12.01
N PRO B 2 0.15 -6.83 12.35
CA PRO B 2 -0.97 -6.00 11.83
C PRO B 2 -1.03 -6.05 10.30
N LEU B 3 -2.03 -6.68 9.75
CA LEU B 3 -2.12 -6.75 8.26
C LEU B 3 -3.43 -7.44 7.85
N PRO B 4 -4.31 -6.70 7.22
CA PRO B 4 -5.61 -7.27 6.78
C PRO B 4 -5.40 -8.25 5.62
N PRO B 5 -6.17 -9.32 5.63
CA PRO B 5 -6.04 -10.33 4.55
C PRO B 5 -6.63 -9.80 3.24
N TYR B 6 -6.91 -10.67 2.31
CA TYR B 6 -7.49 -10.21 1.02
C TYR B 6 -8.01 -11.40 0.21
N PHE A 1 16.25 9.32 0.99
CA PHE A 1 14.76 9.28 1.16
C PHE A 1 14.17 10.68 1.02
N GLU A 2 13.66 11.00 -0.14
CA GLU A 2 13.07 12.35 -0.34
C GLU A 2 11.79 12.25 -1.17
N ILE A 3 10.66 12.45 -0.56
CA ILE A 3 9.37 12.37 -1.33
C ILE A 3 8.44 13.52 -0.93
N PRO A 4 7.58 13.91 -1.85
CA PRO A 4 6.62 15.01 -1.58
C PRO A 4 5.35 14.49 -0.90
N ASP A 5 5.46 13.48 -0.07
CA ASP A 5 4.25 12.94 0.62
C ASP A 5 3.09 12.74 -0.36
N ASP A 6 3.31 12.04 -1.43
CA ASP A 6 2.23 11.81 -2.42
C ASP A 6 2.68 10.82 -3.51
N VAL A 7 3.01 9.61 -3.11
CA VAL A 7 3.47 8.61 -4.10
C VAL A 7 2.26 7.84 -4.67
N PRO A 8 2.14 7.82 -5.98
CA PRO A 8 1.01 7.10 -6.62
C PRO A 8 1.24 5.58 -6.60
N LEU A 9 2.35 5.14 -6.06
CA LEU A 9 2.63 3.66 -6.03
C LEU A 9 2.62 3.09 -7.45
N PRO A 10 3.14 1.89 -7.60
CA PRO A 10 3.19 1.25 -8.93
C PRO A 10 1.81 0.73 -9.34
N ALA A 11 1.70 0.20 -10.53
CA ALA A 11 0.37 -0.31 -11.00
C ALA A 11 -0.07 -1.52 -10.15
N GLY A 12 -1.34 -1.83 -10.18
CA GLY A 12 -1.84 -2.99 -9.39
C GLY A 12 -1.88 -2.62 -7.90
N TRP A 13 -1.91 -1.35 -7.60
CA TRP A 13 -1.94 -0.93 -6.16
C TRP A 13 -3.13 -0.01 -5.89
N GLU A 14 -3.74 -0.12 -4.75
CA GLU A 14 -4.90 0.78 -4.44
C GLU A 14 -4.82 1.31 -3.01
N MET A 15 -4.27 2.47 -2.80
CA MET A 15 -4.22 3.01 -1.42
C MET A 15 -5.65 3.19 -0.94
N ALA A 16 -5.99 2.53 0.12
CA ALA A 16 -7.37 2.63 0.65
C ALA A 16 -7.32 2.69 2.18
N LYS A 17 -8.42 2.44 2.84
CA LYS A 17 -8.39 2.50 4.32
C LYS A 17 -8.85 1.18 4.93
N THR A 18 -8.17 0.72 5.94
CA THR A 18 -8.55 -0.57 6.58
C THR A 18 -8.63 -0.40 8.10
N SER A 19 -8.61 -1.49 8.81
CA SER A 19 -8.67 -1.43 10.31
C SER A 19 -9.77 -0.46 10.77
N SER A 20 -9.43 0.79 11.00
CA SER A 20 -10.46 1.77 11.46
C SER A 20 -10.05 3.18 11.05
N GLY A 21 -8.81 3.51 11.22
CA GLY A 21 -8.33 4.88 10.85
C GLY A 21 -6.90 4.79 10.34
N GLN A 22 -6.68 4.10 9.25
CA GLN A 22 -5.30 3.98 8.70
C GLN A 22 -5.34 3.67 7.21
N ARG A 23 -4.58 4.38 6.41
CA ARG A 23 -4.61 4.11 4.94
C ARG A 23 -3.70 2.94 4.61
N TYR A 24 -4.25 1.93 3.99
CA TYR A 24 -3.41 0.79 3.59
C TYR A 24 -3.25 0.82 2.08
N PHE A 25 -2.58 -0.13 1.54
CA PHE A 25 -2.37 -0.13 0.09
C PHE A 25 -2.77 -1.49 -0.47
N LEU A 26 -4.02 -1.57 -0.85
CA LEU A 26 -4.57 -2.83 -1.39
C LEU A 26 -3.72 -3.28 -2.58
N ASN A 27 -2.85 -4.22 -2.33
CA ASN A 27 -1.95 -4.73 -3.40
C ASN A 27 -2.73 -5.65 -4.34
N HIS A 28 -3.06 -5.20 -5.52
CA HIS A 28 -3.81 -6.07 -6.47
C HIS A 28 -2.83 -6.97 -7.21
N ILE A 29 -1.62 -6.51 -7.40
CA ILE A 29 -0.60 -7.34 -8.11
C ILE A 29 -0.52 -8.74 -7.48
N ASP A 30 -0.56 -8.81 -6.18
CA ASP A 30 -0.48 -10.13 -5.50
C ASP A 30 -1.68 -10.31 -4.56
N GLN A 31 -2.70 -9.53 -4.71
CA GLN A 31 -3.91 -9.65 -3.83
C GLN A 31 -3.50 -9.57 -2.34
N THR A 32 -3.23 -8.39 -1.86
CA THR A 32 -2.85 -8.24 -0.42
C THR A 32 -3.09 -6.79 0.03
N THR A 33 -2.70 -6.45 1.23
CA THR A 33 -2.90 -5.05 1.71
C THR A 33 -1.67 -4.57 2.46
N THR A 34 -0.83 -3.79 1.83
CA THR A 34 0.38 -3.29 2.50
C THR A 34 0.05 -1.96 3.19
N TRP A 35 0.40 -1.79 4.44
CA TRP A 35 0.08 -0.50 5.12
C TRP A 35 1.05 0.58 4.63
N GLN A 36 2.33 0.29 4.61
CA GLN A 36 3.31 1.30 4.14
C GLN A 36 4.72 0.69 4.10
N ASP A 37 5.42 0.88 3.01
CA ASP A 37 6.79 0.30 2.90
C ASP A 37 7.43 0.71 1.56
N PRO A 38 6.79 0.32 0.48
CA PRO A 38 7.33 0.67 -0.87
C PRO A 38 7.11 2.16 -1.15
N ARG A 39 8.14 2.96 -1.02
CA ARG A 39 8.00 4.42 -1.28
C ARG A 39 6.85 4.98 -0.45
N LYS A 40 7.14 5.52 0.70
CA LYS A 40 6.08 6.09 1.57
C LYS A 40 5.22 7.08 0.77
C ACE B 1 -2.01 -8.53 11.90
O ACE B 1 -1.30 -9.09 11.07
CH3 ACE B 1 -2.55 -9.30 13.10
H1 ACE B 1 -1.88 -9.18 13.94
H2 ACE B 1 -2.63 -10.35 12.85
H3 ACE B 1 -3.52 -8.91 13.37
N PRO B 2 -2.36 -7.27 11.83
CA PRO B 2 -3.79 -6.93 11.60
C PRO B 2 -4.05 -6.71 10.10
N LEU B 3 -3.20 -7.22 9.26
CA LEU B 3 -3.40 -7.02 7.79
C LEU B 3 -4.83 -7.43 7.39
N PRO B 4 -5.52 -6.55 6.71
CA PRO B 4 -6.90 -6.84 6.28
C PRO B 4 -6.91 -7.93 5.18
N PRO B 5 -7.85 -8.84 5.28
CA PRO B 5 -7.94 -9.92 4.27
C PRO B 5 -8.47 -9.38 2.94
N TYR B 6 -7.97 -9.87 1.85
CA TYR B 6 -8.46 -9.38 0.52
C TYR B 6 -9.68 -10.18 0.08
N PHE A 1 20.32 9.44 2.49
CA PHE A 1 18.95 9.09 1.99
C PHE A 1 18.67 7.61 2.24
N GLU A 2 17.51 7.14 1.85
CA GLU A 2 17.18 5.71 2.06
C GLU A 2 17.07 4.98 0.71
N ILE A 3 16.22 5.47 -0.16
CA ILE A 3 16.06 4.81 -1.49
C ILE A 3 16.49 5.76 -2.61
N PRO A 4 17.09 5.21 -3.64
CA PRO A 4 17.55 6.04 -4.77
C PRO A 4 16.34 6.55 -5.59
N ASP A 5 15.88 5.79 -6.54
CA ASP A 5 14.71 6.25 -7.35
C ASP A 5 13.55 6.65 -6.44
N ASP A 6 13.40 5.96 -5.33
CA ASP A 6 12.29 6.30 -4.40
C ASP A 6 10.95 6.32 -5.15
N VAL A 7 10.54 5.23 -5.71
CA VAL A 7 9.25 5.19 -6.45
C VAL A 7 8.11 4.77 -5.51
N PRO A 8 6.96 5.37 -5.70
CA PRO A 8 5.78 5.03 -4.85
C PRO A 8 5.26 3.64 -5.22
N LEU A 9 4.02 3.36 -4.88
CA LEU A 9 3.46 2.02 -5.21
C LEU A 9 3.39 1.84 -6.73
N PRO A 10 3.72 0.66 -7.19
CA PRO A 10 3.70 0.37 -8.65
C PRO A 10 2.26 0.24 -9.15
N ALA A 11 2.07 -0.33 -10.31
CA ALA A 11 0.69 -0.48 -10.85
C ALA A 11 -0.07 -1.57 -10.10
N GLY A 12 -1.34 -1.71 -10.38
CA GLY A 12 -2.15 -2.76 -9.68
C GLY A 12 -2.21 -2.45 -8.17
N TRP A 13 -1.85 -1.26 -7.78
CA TRP A 13 -1.89 -0.91 -6.33
C TRP A 13 -3.00 0.09 -6.04
N GLU A 14 -3.61 0.00 -4.89
CA GLU A 14 -4.71 0.97 -4.57
C GLU A 14 -4.57 1.50 -3.14
N MET A 15 -3.95 2.64 -2.96
CA MET A 15 -3.86 3.19 -1.58
C MET A 15 -5.26 3.56 -1.11
N ALA A 16 -5.66 3.05 0.01
CA ALA A 16 -7.02 3.35 0.52
C ALA A 16 -7.00 3.19 2.04
N LYS A 17 -8.09 2.84 2.67
CA LYS A 17 -8.04 2.70 4.14
C LYS A 17 -8.59 1.35 4.60
N THR A 18 -8.24 0.94 5.78
CA THR A 18 -8.73 -0.38 6.29
C THR A 18 -9.45 -0.22 7.62
N SER A 19 -9.92 -1.32 8.17
CA SER A 19 -10.66 -1.27 9.47
C SER A 19 -9.94 -0.40 10.49
N SER A 20 -8.66 -0.57 10.63
CA SER A 20 -7.90 0.25 11.63
C SER A 20 -8.17 1.74 11.39
N GLY A 21 -8.57 2.10 10.21
CA GLY A 21 -8.85 3.53 9.92
C GLY A 21 -7.64 4.15 9.20
N GLN A 22 -6.48 3.59 9.41
CA GLN A 22 -5.26 4.15 8.75
C GLN A 22 -5.31 3.85 7.24
N ARG A 23 -4.54 4.57 6.47
CA ARG A 23 -4.54 4.33 5.00
C ARG A 23 -3.69 3.11 4.67
N TYR A 24 -4.30 2.11 4.13
CA TYR A 24 -3.53 0.92 3.74
C TYR A 24 -3.39 0.89 2.24
N PHE A 25 -2.65 -0.03 1.74
CA PHE A 25 -2.45 -0.11 0.30
C PHE A 25 -2.87 -1.47 -0.20
N LEU A 26 -4.01 -1.51 -0.81
CA LEU A 26 -4.58 -2.78 -1.32
C LEU A 26 -3.86 -3.21 -2.59
N ASN A 27 -3.10 -4.26 -2.50
CA ASN A 27 -2.33 -4.75 -3.68
C ASN A 27 -3.21 -5.71 -4.50
N HIS A 28 -3.66 -5.27 -5.65
CA HIS A 28 -4.50 -6.14 -6.51
C HIS A 28 -3.63 -7.10 -7.34
N ILE A 29 -2.34 -7.00 -7.22
CA ILE A 29 -1.45 -7.93 -8.00
C ILE A 29 -1.21 -9.17 -7.15
N ASP A 30 -0.60 -8.99 -6.02
CA ASP A 30 -0.35 -10.15 -5.12
C ASP A 30 -1.50 -10.29 -4.11
N GLN A 31 -2.59 -9.60 -4.33
CA GLN A 31 -3.75 -9.70 -3.39
C GLN A 31 -3.28 -9.52 -1.95
N THR A 32 -2.92 -8.33 -1.56
CA THR A 32 -2.45 -8.11 -0.16
C THR A 32 -2.71 -6.67 0.27
N THR A 33 -2.38 -6.34 1.50
CA THR A 33 -2.61 -4.95 1.99
C THR A 33 -1.46 -4.50 2.88
N THR A 34 -0.74 -3.49 2.48
CA THR A 34 0.36 -2.99 3.35
C THR A 34 0.01 -1.60 3.85
N TRP A 35 0.47 -1.22 5.01
CA TRP A 35 0.12 0.14 5.53
C TRP A 35 1.12 1.17 5.01
N GLN A 36 2.36 0.80 4.85
CA GLN A 36 3.38 1.76 4.34
C GLN A 36 4.68 1.01 3.98
N ASP A 37 4.58 -0.01 3.19
CA ASP A 37 5.81 -0.77 2.81
C ASP A 37 5.48 -1.77 1.69
N PRO A 38 5.05 -1.25 0.57
CA PRO A 38 4.70 -2.12 -0.58
C PRO A 38 5.98 -2.70 -1.22
N ARG A 39 6.57 -2.00 -2.15
CA ARG A 39 7.82 -2.53 -2.79
C ARG A 39 9.05 -1.89 -2.16
N LYS A 40 8.94 -1.41 -0.95
CA LYS A 40 10.11 -0.79 -0.28
C LYS A 40 10.00 -0.93 1.24
C ACE B 1 -3.12 -8.90 12.56
O ACE B 1 -3.43 -9.63 11.64
CH3 ACE B 1 -3.32 -9.35 14.01
H1 ACE B 1 -3.04 -8.53 14.67
H2 ACE B 1 -2.70 -10.21 14.21
H3 ACE B 1 -4.36 -9.59 14.17
N PRO B 2 -2.60 -7.71 12.40
CA PRO B 2 -3.50 -6.55 12.19
C PRO B 2 -3.65 -6.27 10.70
N LEU B 3 -2.71 -6.70 9.90
CA LEU B 3 -2.81 -6.45 8.43
C LEU B 3 -4.06 -7.14 7.86
N PRO B 4 -4.90 -6.37 7.20
CA PRO B 4 -6.14 -6.94 6.63
C PRO B 4 -5.82 -7.83 5.41
N PRO B 5 -6.02 -9.12 5.57
CA PRO B 5 -5.74 -10.06 4.45
C PRO B 5 -6.78 -9.92 3.35
N TYR B 6 -6.90 -8.75 2.77
CA TYR B 6 -7.90 -8.55 1.68
C TYR B 6 -9.27 -9.06 2.12
N PHE A 1 16.62 11.36 1.58
CA PHE A 1 16.06 12.69 1.18
C PHE A 1 15.66 12.68 -0.30
N GLU A 2 15.61 13.83 -0.92
CA GLU A 2 15.22 13.87 -2.35
C GLU A 2 13.90 13.13 -2.58
N ILE A 3 12.80 13.84 -2.51
CA ILE A 3 11.48 13.18 -2.72
C ILE A 3 10.73 13.85 -3.88
N PRO A 4 10.76 13.22 -5.02
CA PRO A 4 10.06 13.78 -6.21
C PRO A 4 8.54 13.65 -6.05
N ASP A 5 8.10 12.79 -5.18
CA ASP A 5 6.63 12.61 -4.97
C ASP A 5 5.89 12.51 -6.30
N ASP A 6 6.48 11.89 -7.28
CA ASP A 6 5.81 11.76 -8.60
C ASP A 6 4.62 10.81 -8.49
N VAL A 7 4.82 9.64 -7.95
CA VAL A 7 3.71 8.66 -7.82
C VAL A 7 3.71 8.04 -6.42
N PRO A 8 2.53 7.79 -5.90
CA PRO A 8 2.42 7.19 -4.54
C PRO A 8 2.83 5.71 -4.59
N LEU A 9 2.24 4.95 -5.47
CA LEU A 9 2.60 3.50 -5.56
C LEU A 9 2.64 3.06 -7.03
N PRO A 10 3.20 1.90 -7.27
CA PRO A 10 3.30 1.38 -8.65
C PRO A 10 1.93 0.92 -9.15
N ALA A 11 1.85 0.50 -10.39
CA ALA A 11 0.54 0.04 -10.94
C ALA A 11 0.04 -1.21 -10.20
N GLY A 12 -1.24 -1.46 -10.25
CA GLY A 12 -1.79 -2.67 -9.56
C GLY A 12 -1.88 -2.40 -8.05
N TRP A 13 -1.89 -1.16 -7.65
CA TRP A 13 -1.97 -0.85 -6.19
C TRP A 13 -3.16 0.05 -5.89
N GLU A 14 -3.73 -0.08 -4.72
CA GLU A 14 -4.90 0.78 -4.37
C GLU A 14 -4.79 1.28 -2.93
N MET A 15 -4.23 2.45 -2.71
CA MET A 15 -4.16 2.96 -1.32
C MET A 15 -5.58 3.13 -0.80
N ALA A 16 -5.91 2.43 0.23
CA ALA A 16 -7.28 2.51 0.79
C ALA A 16 -7.20 2.60 2.31
N LYS A 17 -8.29 2.36 2.98
CA LYS A 17 -8.23 2.43 4.48
C LYS A 17 -8.75 1.15 5.11
N THR A 18 -8.10 0.71 6.15
CA THR A 18 -8.54 -0.54 6.82
C THR A 18 -8.58 -0.35 8.34
N SER A 19 -8.59 -1.44 9.07
CA SER A 19 -8.63 -1.35 10.57
C SER A 19 -9.67 -0.32 11.03
N SER A 20 -9.27 0.90 11.27
CA SER A 20 -10.25 1.93 11.74
C SER A 20 -10.08 3.25 10.98
N GLY A 21 -9.13 3.33 10.08
CA GLY A 21 -8.93 4.60 9.33
C GLY A 21 -7.52 4.62 8.72
N GLN A 22 -6.59 3.91 9.31
CA GLN A 22 -5.20 3.90 8.76
C GLN A 22 -5.22 3.62 7.26
N ARG A 23 -4.44 4.33 6.49
CA ARG A 23 -4.43 4.10 5.02
C ARG A 23 -3.56 2.89 4.68
N TYR A 24 -4.15 1.87 4.13
CA TYR A 24 -3.34 0.70 3.73
C TYR A 24 -3.23 0.72 2.21
N PHE A 25 -2.53 -0.22 1.67
CA PHE A 25 -2.36 -0.22 0.20
C PHE A 25 -2.74 -1.59 -0.34
N LEU A 26 -3.96 -1.68 -0.79
CA LEU A 26 -4.48 -2.97 -1.32
C LEU A 26 -3.76 -3.29 -2.63
N ASN A 27 -2.88 -4.25 -2.60
CA ASN A 27 -2.13 -4.63 -3.83
C ASN A 27 -2.97 -5.55 -4.70
N HIS A 28 -3.32 -5.10 -5.87
CA HIS A 28 -4.14 -5.94 -6.79
C HIS A 28 -3.25 -6.93 -7.55
N ILE A 29 -1.95 -6.78 -7.46
CA ILE A 29 -1.04 -7.74 -8.16
C ILE A 29 -0.85 -8.94 -7.25
N ASP A 30 -0.33 -8.70 -6.10
CA ASP A 30 -0.13 -9.82 -5.12
C ASP A 30 -1.40 -10.02 -4.28
N GLN A 31 -2.44 -9.28 -4.56
CA GLN A 31 -3.70 -9.44 -3.78
C GLN A 31 -3.41 -9.38 -2.29
N THR A 32 -3.12 -8.21 -1.78
CA THR A 32 -2.83 -8.10 -0.32
C THR A 32 -3.07 -6.66 0.18
N THR A 33 -2.82 -6.42 1.44
CA THR A 33 -3.02 -5.04 1.98
C THR A 33 -1.74 -4.56 2.66
N THR A 34 -0.87 -3.94 1.92
CA THR A 34 0.40 -3.42 2.52
C THR A 34 0.09 -2.07 3.21
N TRP A 35 0.39 -1.94 4.47
CA TRP A 35 0.11 -0.65 5.15
C TRP A 35 1.07 0.43 4.61
N GLN A 36 1.34 1.44 5.38
CA GLN A 36 2.28 2.50 4.91
C GLN A 36 3.71 1.97 4.88
N ASP A 37 4.40 2.16 3.78
CA ASP A 37 5.80 1.66 3.68
C ASP A 37 6.43 2.05 2.33
N PRO A 38 5.82 1.58 1.26
CA PRO A 38 6.34 1.90 -0.09
C PRO A 38 6.09 3.37 -0.43
N ARG A 39 7.09 4.07 -0.90
CA ARG A 39 6.92 5.51 -1.25
C ARG A 39 6.35 6.27 -0.05
N LYS A 40 6.24 7.57 -0.16
CA LYS A 40 5.70 8.38 0.97
C LYS A 40 4.32 8.93 0.61
C ACE B 1 -1.43 -8.55 12.51
O ACE B 1 -1.52 -8.91 13.67
CH3 ACE B 1 -1.68 -9.52 11.37
H1 ACE B 1 -2.62 -10.03 11.52
H2 ACE B 1 -0.89 -10.24 11.32
H3 ACE B 1 -1.71 -8.97 10.44
N PRO B 2 -1.12 -7.33 12.16
CA PRO B 2 -2.18 -6.42 11.66
C PRO B 2 -2.23 -6.47 10.12
N LEU B 3 -3.32 -6.92 9.57
CA LEU B 3 -3.43 -6.98 8.08
C LEU B 3 -4.86 -7.42 7.67
N PRO B 4 -5.55 -6.55 6.99
CA PRO B 4 -6.93 -6.87 6.54
C PRO B 4 -6.91 -7.93 5.45
N PRO B 5 -7.90 -8.79 5.46
CA PRO B 5 -7.98 -9.87 4.44
C PRO B 5 -8.33 -9.30 3.06
N TYR B 6 -8.19 -10.09 2.04
CA TYR B 6 -8.52 -9.59 0.66
C TYR B 6 -9.25 -10.68 -0.13
N PHE A 1 18.23 4.18 -15.44
CA PHE A 1 18.27 3.40 -14.16
C PHE A 1 18.01 4.32 -12.97
N GLU A 2 17.85 3.77 -11.80
CA GLU A 2 17.60 4.62 -10.60
C GLU A 2 16.42 5.56 -10.85
N ILE A 3 15.21 5.07 -10.72
CA ILE A 3 14.02 5.93 -10.95
C ILE A 3 13.84 6.91 -9.78
N PRO A 4 13.40 8.10 -10.08
CA PRO A 4 13.19 9.12 -9.03
C PRO A 4 11.96 8.78 -8.19
N ASP A 5 11.81 9.41 -7.06
CA ASP A 5 10.64 9.12 -6.19
C ASP A 5 9.42 9.95 -6.63
N ASP A 6 9.10 9.93 -7.89
CA ASP A 6 7.93 10.72 -8.37
C ASP A 6 6.67 9.84 -8.43
N VAL A 7 6.70 8.71 -7.78
CA VAL A 7 5.50 7.82 -7.80
C VAL A 7 5.28 7.20 -6.42
N PRO A 8 4.04 7.20 -5.96
CA PRO A 8 3.73 6.62 -4.64
C PRO A 8 3.78 5.09 -4.70
N LEU A 9 3.09 4.50 -5.62
CA LEU A 9 3.11 3.01 -5.73
C LEU A 9 3.03 2.60 -7.21
N PRO A 10 3.48 1.39 -7.50
CA PRO A 10 3.46 0.89 -8.89
C PRO A 10 2.02 0.59 -9.34
N ALA A 11 1.86 0.08 -10.53
CA ALA A 11 0.49 -0.23 -11.04
C ALA A 11 -0.12 -1.42 -10.29
N GLY A 12 -1.38 -1.67 -10.48
CA GLY A 12 -2.04 -2.81 -9.78
C GLY A 12 -2.11 -2.53 -8.27
N TRP A 13 -1.93 -1.29 -7.87
CA TRP A 13 -1.98 -0.98 -6.42
C TRP A 13 -3.13 -0.02 -6.11
N GLU A 14 -3.73 -0.17 -4.95
CA GLU A 14 -4.85 0.75 -4.58
C GLU A 14 -4.67 1.29 -3.16
N MET A 15 -4.07 2.45 -3.01
CA MET A 15 -3.93 3.00 -1.64
C MET A 15 -5.30 3.43 -1.16
N ALA A 16 -5.74 2.86 -0.09
CA ALA A 16 -7.07 3.21 0.47
C ALA A 16 -7.00 3.04 1.98
N LYS A 17 -8.08 2.72 2.66
CA LYS A 17 -7.98 2.58 4.14
C LYS A 17 -8.62 1.30 4.64
N THR A 18 -8.18 0.86 5.80
CA THR A 18 -8.73 -0.38 6.41
C THR A 18 -8.78 -0.24 7.93
N SER A 19 -8.84 -1.34 8.62
CA SER A 19 -8.88 -1.29 10.12
C SER A 19 -9.91 -0.26 10.60
N SER A 20 -9.64 0.40 11.70
CA SER A 20 -10.61 1.41 12.20
C SER A 20 -10.21 2.82 11.75
N GLY A 21 -9.01 2.98 11.27
CA GLY A 21 -8.58 4.34 10.80
C GLY A 21 -7.11 4.30 10.40
N GLN A 22 -6.82 4.03 9.16
CA GLN A 22 -5.41 3.98 8.70
C GLN A 22 -5.35 3.72 7.19
N ARG A 23 -4.51 4.43 6.47
CA ARG A 23 -4.43 4.20 5.01
C ARG A 23 -3.62 2.95 4.70
N TYR A 24 -4.22 2.01 4.05
CA TYR A 24 -3.47 0.79 3.68
C TYR A 24 -3.32 0.75 2.18
N PHE A 25 -2.59 -0.19 1.69
CA PHE A 25 -2.37 -0.26 0.23
C PHE A 25 -2.74 -1.65 -0.25
N LEU A 26 -3.87 -1.75 -0.88
CA LEU A 26 -4.34 -3.06 -1.36
C LEU A 26 -3.67 -3.40 -2.69
N ASN A 27 -2.79 -4.37 -2.66
CA ASN A 27 -2.07 -4.78 -3.89
C ASN A 27 -2.97 -5.69 -4.73
N HIS A 28 -3.39 -5.23 -5.87
CA HIS A 28 -4.28 -6.07 -6.74
C HIS A 28 -3.45 -7.07 -7.55
N ILE A 29 -2.15 -6.94 -7.55
CA ILE A 29 -1.30 -7.91 -8.31
C ILE A 29 -1.08 -9.13 -7.42
N ASP A 30 -0.50 -8.92 -6.29
CA ASP A 30 -0.26 -10.05 -5.35
C ASP A 30 -1.43 -10.16 -4.35
N GLN A 31 -2.48 -9.40 -4.56
CA GLN A 31 -3.65 -9.45 -3.62
C GLN A 31 -3.18 -9.36 -2.17
N THR A 32 -2.85 -8.19 -1.70
CA THR A 32 -2.40 -8.06 -0.29
C THR A 32 -2.66 -6.65 0.24
N THR A 33 -2.55 -6.44 1.53
CA THR A 33 -2.81 -5.08 2.08
C THR A 33 -1.61 -4.61 2.92
N THR A 34 -0.76 -3.79 2.37
CA THR A 34 0.39 -3.30 3.17
C THR A 34 0.12 -1.86 3.61
N TRP A 35 0.29 -1.56 4.87
CA TRP A 35 0.03 -0.17 5.34
C TRP A 35 0.99 0.81 4.66
N GLN A 36 2.24 0.44 4.56
CA GLN A 36 3.23 1.35 3.92
C GLN A 36 3.16 1.21 2.39
N ASP A 37 4.21 1.57 1.70
CA ASP A 37 4.21 1.45 0.22
C ASP A 37 5.47 0.71 -0.26
N PRO A 38 5.31 -0.07 -1.31
CA PRO A 38 6.45 -0.84 -1.85
C PRO A 38 7.43 0.08 -2.58
N ARG A 39 6.95 0.83 -3.55
CA ARG A 39 7.84 1.75 -4.29
C ARG A 39 9.08 0.99 -4.81
N LYS A 40 10.07 1.69 -5.30
CA LYS A 40 11.28 1.01 -5.81
C LYS A 40 12.40 1.06 -4.76
C ACE B 1 -3.33 -8.53 12.79
O ACE B 1 -4.30 -8.81 13.49
CH3 ACE B 1 -2.49 -9.63 12.15
H1 ACE B 1 -1.46 -9.49 12.40
H2 ACE B 1 -2.61 -9.58 11.07
H3 ACE B 1 -2.83 -10.59 12.51
N PRO B 2 -2.93 -7.31 12.55
CA PRO B 2 -3.95 -6.28 12.17
C PRO B 2 -4.06 -6.17 10.66
N LEU B 3 -3.03 -6.56 9.95
CA LEU B 3 -3.08 -6.48 8.46
C LEU B 3 -4.35 -7.16 7.92
N PRO B 4 -5.14 -6.40 7.18
CA PRO B 4 -6.40 -6.96 6.62
C PRO B 4 -6.10 -7.97 5.51
N PRO B 5 -6.84 -9.06 5.50
CA PRO B 5 -6.63 -10.10 4.47
C PRO B 5 -7.20 -9.64 3.12
N TYR B 6 -6.83 -10.28 2.06
CA TYR B 6 -7.35 -9.88 0.72
C TYR B 6 -7.30 -11.07 -0.25
N PHE A 1 19.38 15.47 -2.44
CA PHE A 1 18.30 16.43 -2.06
C PHE A 1 17.07 15.67 -1.55
N GLU A 2 17.13 15.19 -0.33
CA GLU A 2 15.97 14.44 0.22
C GLU A 2 15.57 13.31 -0.72
N ILE A 3 14.58 12.54 -0.35
CA ILE A 3 14.14 11.41 -1.24
C ILE A 3 13.35 11.96 -2.44
N PRO A 4 13.31 11.19 -3.49
CA PRO A 4 12.58 11.62 -4.71
C PRO A 4 11.07 11.56 -4.48
N ASP A 5 10.30 11.80 -5.51
CA ASP A 5 8.81 11.75 -5.35
C ASP A 5 8.15 11.35 -6.67
N ASP A 6 8.65 10.33 -7.31
CA ASP A 6 8.04 9.90 -8.61
C ASP A 6 6.64 9.33 -8.37
N VAL A 7 6.55 8.11 -7.94
CA VAL A 7 5.21 7.50 -7.69
C VAL A 7 5.18 6.81 -6.32
N PRO A 8 4.04 6.89 -5.66
CA PRO A 8 3.91 6.27 -4.32
C PRO A 8 3.83 4.75 -4.45
N LEU A 9 3.10 4.26 -5.41
CA LEU A 9 2.99 2.78 -5.60
C LEU A 9 2.90 2.44 -7.10
N PRO A 10 3.37 1.27 -7.45
CA PRO A 10 3.35 0.83 -8.86
C PRO A 10 1.93 0.51 -9.31
N ALA A 11 1.78 -0.10 -10.47
CA ALA A 11 0.42 -0.44 -10.97
C ALA A 11 -0.19 -1.59 -10.18
N GLY A 12 -1.45 -1.86 -10.37
CA GLY A 12 -2.10 -2.97 -9.62
C GLY A 12 -2.15 -2.65 -8.12
N TRP A 13 -1.91 -1.41 -7.76
CA TRP A 13 -1.94 -1.04 -6.31
C TRP A 13 -3.08 -0.06 -6.03
N GLU A 14 -3.71 -0.18 -4.89
CA GLU A 14 -4.82 0.77 -4.58
C GLU A 14 -4.67 1.35 -3.17
N MET A 15 -4.05 2.50 -3.03
CA MET A 15 -3.93 3.09 -1.68
C MET A 15 -5.31 3.54 -1.23
N ALA A 16 -5.75 3.04 -0.13
CA ALA A 16 -7.10 3.41 0.39
C ALA A 16 -7.08 3.19 1.90
N LYS A 17 -8.19 2.89 2.53
CA LYS A 17 -8.13 2.69 4.01
C LYS A 17 -8.75 1.37 4.45
N THR A 18 -8.35 0.91 5.60
CA THR A 18 -8.89 -0.37 6.13
C THR A 18 -9.39 -0.19 7.57
N SER A 19 -9.54 -1.26 8.29
CA SER A 19 -10.02 -1.14 9.70
C SER A 19 -9.08 -0.26 10.52
N SER A 20 -9.40 -0.05 11.77
CA SER A 20 -8.56 0.82 12.67
C SER A 20 -8.72 2.29 12.32
N GLY A 21 -8.49 2.62 11.08
CA GLY A 21 -8.63 4.05 10.67
C GLY A 21 -7.32 4.51 10.02
N GLN A 22 -6.67 3.65 9.28
CA GLN A 22 -5.39 4.05 8.62
C GLN A 22 -5.45 3.75 7.12
N ARG A 23 -4.64 4.42 6.34
CA ARG A 23 -4.66 4.17 4.88
C ARG A 23 -3.81 2.95 4.54
N TYR A 24 -4.42 1.95 3.99
CA TYR A 24 -3.62 0.76 3.60
C TYR A 24 -3.42 0.77 2.10
N PHE A 25 -2.70 -0.15 1.62
CA PHE A 25 -2.43 -0.20 0.18
C PHE A 25 -2.82 -1.57 -0.33
N LEU A 26 -4.00 -1.64 -0.88
CA LEU A 26 -4.52 -2.93 -1.38
C LEU A 26 -3.69 -3.39 -2.59
N ASN A 27 -2.89 -4.39 -2.37
CA ASN A 27 -2.01 -4.92 -3.45
C ASN A 27 -2.83 -5.80 -4.40
N HIS A 28 -3.09 -5.33 -5.59
CA HIS A 28 -3.87 -6.14 -6.56
C HIS A 28 -2.93 -7.08 -7.31
N ILE A 29 -1.69 -6.67 -7.47
CA ILE A 29 -0.71 -7.53 -8.19
C ILE A 29 -0.69 -8.94 -7.59
N ASP A 30 -0.75 -9.03 -6.30
CA ASP A 30 -0.75 -10.37 -5.64
C ASP A 30 -1.84 -10.43 -4.56
N GLN A 31 -2.79 -9.55 -4.62
CA GLN A 31 -3.90 -9.56 -3.60
C GLN A 31 -3.34 -9.47 -2.18
N THR A 32 -3.11 -8.29 -1.69
CA THR A 32 -2.57 -8.13 -0.31
C THR A 32 -2.90 -6.72 0.21
N THR A 33 -2.42 -6.37 1.37
CA THR A 33 -2.71 -5.00 1.90
C THR A 33 -1.60 -4.56 2.86
N THR A 34 -0.88 -3.53 2.51
CA THR A 34 0.19 -3.05 3.42
C THR A 34 -0.16 -1.64 3.89
N TRP A 35 0.33 -1.21 5.03
CA TRP A 35 -0.01 0.16 5.51
C TRP A 35 1.01 1.16 4.97
N GLN A 36 2.26 0.79 4.96
CA GLN A 36 3.32 1.72 4.45
C GLN A 36 4.67 1.02 4.44
N ASP A 37 5.38 1.11 3.34
CA ASP A 37 6.72 0.44 3.26
C ASP A 37 7.38 0.73 1.90
N PRO A 38 6.71 0.32 0.84
CA PRO A 38 7.27 0.55 -0.52
C PRO A 38 7.19 2.03 -0.89
N ARG A 39 8.21 2.56 -1.49
CA ARG A 39 8.19 4.00 -1.89
C ARG A 39 7.84 4.87 -0.67
N LYS A 40 7.80 6.16 -0.86
CA LYS A 40 7.47 7.06 0.29
C LYS A 40 6.06 6.77 0.80
C ACE B 1 -5.51 -8.06 12.62
O ACE B 1 -6.58 -7.79 13.11
CH3 ACE B 1 -5.16 -9.51 12.27
H1 ACE B 1 -4.91 -9.57 11.22
H2 ACE B 1 -6.00 -10.15 12.48
H3 ACE B 1 -4.31 -9.83 12.86
N PRO B 2 -4.58 -7.18 12.36
CA PRO B 2 -4.97 -5.86 11.82
C PRO B 2 -4.88 -5.86 10.29
N LEU B 3 -3.79 -6.32 9.75
CA LEU B 3 -3.65 -6.35 8.26
C LEU B 3 -4.84 -7.07 7.63
N PRO B 4 -5.56 -6.37 6.78
CA PRO B 4 -6.74 -6.97 6.11
C PRO B 4 -6.30 -8.02 5.08
N PRO B 5 -6.72 -9.25 5.28
CA PRO B 5 -6.34 -10.34 4.33
C PRO B 5 -7.07 -10.16 3.00
N TYR B 6 -6.37 -9.69 2.00
CA TYR B 6 -7.01 -9.49 0.66
C TYR B 6 -6.64 -10.64 -0.28
N PHE A 1 22.52 3.74 0.44
CA PHE A 1 22.12 2.62 -0.46
C PHE A 1 21.07 1.74 0.23
N GLU A 2 20.06 2.33 0.80
CA GLU A 2 19.01 1.52 1.49
C GLU A 2 17.66 1.75 0.82
N ILE A 3 17.54 1.40 -0.43
CA ILE A 3 16.24 1.59 -1.14
C ILE A 3 15.77 3.03 -1.00
N PRO A 4 16.07 3.84 -1.98
CA PRO A 4 15.65 5.27 -1.95
C PRO A 4 14.15 5.39 -2.19
N ASP A 5 13.56 4.42 -2.83
CA ASP A 5 12.08 4.46 -3.08
C ASP A 5 11.65 5.84 -3.60
N ASP A 6 11.89 6.11 -4.86
CA ASP A 6 11.50 7.43 -5.42
C ASP A 6 10.07 7.37 -5.99
N VAL A 7 9.75 6.33 -6.71
CA VAL A 7 8.38 6.21 -7.27
C VAL A 7 7.42 5.63 -6.22
N PRO A 8 6.19 6.11 -6.25
CA PRO A 8 5.17 5.63 -5.28
C PRO A 8 4.76 4.19 -5.62
N LEU A 9 3.61 3.78 -5.16
CA LEU A 9 3.15 2.39 -5.46
C LEU A 9 3.04 2.19 -6.98
N PRO A 10 3.45 1.03 -7.43
CA PRO A 10 3.40 0.72 -8.88
C PRO A 10 1.95 0.49 -9.35
N ALA A 11 1.78 -0.11 -10.50
CA ALA A 11 0.39 -0.36 -11.00
C ALA A 11 -0.26 -1.52 -10.23
N GLY A 12 -1.52 -1.76 -10.44
CA GLY A 12 -2.21 -2.87 -9.72
C GLY A 12 -2.25 -2.56 -8.23
N TRP A 13 -1.98 -1.34 -7.84
CA TRP A 13 -2.00 -1.00 -6.40
C TRP A 13 -3.15 -0.02 -6.08
N GLU A 14 -3.72 -0.12 -4.91
CA GLU A 14 -4.84 0.80 -4.57
C GLU A 14 -4.69 1.36 -3.15
N MET A 15 -4.08 2.50 -2.99
CA MET A 15 -3.98 3.07 -1.63
C MET A 15 -5.37 3.45 -1.15
N ALA A 16 -5.78 2.93 -0.05
CA ALA A 16 -7.13 3.26 0.47
C ALA A 16 -7.09 3.09 1.99
N LYS A 17 -8.18 2.77 2.63
CA LYS A 17 -8.11 2.62 4.12
C LYS A 17 -8.65 1.27 4.57
N THR A 18 -8.28 0.87 5.75
CA THR A 18 -8.76 -0.45 6.27
C THR A 18 -9.43 -0.29 7.63
N SER A 19 -9.90 -1.37 8.18
CA SER A 19 -10.59 -1.31 9.52
C SER A 19 -9.58 -0.99 10.62
N SER A 20 -9.37 0.27 10.89
CA SER A 20 -8.41 0.66 11.96
C SER A 20 -8.32 2.18 12.06
N GLY A 21 -8.45 2.86 10.95
CA GLY A 21 -8.38 4.34 10.96
C GLY A 21 -7.10 4.78 10.26
N GLN A 22 -6.59 3.97 9.36
CA GLN A 22 -5.34 4.33 8.65
C GLN A 22 -5.44 3.95 7.16
N ARG A 23 -4.65 4.59 6.33
CA ARG A 23 -4.69 4.27 4.89
C ARG A 23 -3.80 3.08 4.59
N TYR A 24 -4.38 2.04 4.07
CA TYR A 24 -3.54 0.86 3.71
C TYR A 24 -3.37 0.84 2.21
N PHE A 25 -2.62 -0.09 1.73
CA PHE A 25 -2.40 -0.15 0.28
C PHE A 25 -2.80 -1.52 -0.24
N LEU A 26 -3.97 -1.56 -0.81
CA LEU A 26 -4.52 -2.84 -1.33
C LEU A 26 -3.72 -3.27 -2.56
N ASN A 27 -2.89 -4.26 -2.37
CA ASN A 27 -2.04 -4.77 -3.48
C ASN A 27 -2.88 -5.70 -4.38
N HIS A 28 -3.11 -5.31 -5.60
CA HIS A 28 -3.89 -6.17 -6.53
C HIS A 28 -2.95 -7.10 -7.28
N ILE A 29 -1.73 -6.67 -7.47
CA ILE A 29 -0.73 -7.52 -8.20
C ILE A 29 -0.66 -8.91 -7.56
N ASP A 30 -0.69 -8.97 -6.26
CA ASP A 30 -0.63 -10.28 -5.57
C ASP A 30 -1.62 -10.32 -4.40
N GLN A 31 -2.77 -9.71 -4.58
CA GLN A 31 -3.84 -9.69 -3.51
C GLN A 31 -3.26 -9.59 -2.10
N THR A 32 -3.10 -8.40 -1.59
CA THR A 32 -2.55 -8.23 -0.21
C THR A 32 -2.78 -6.80 0.26
N THR A 33 -2.55 -6.51 1.52
CA THR A 33 -2.76 -5.13 2.02
C THR A 33 -1.58 -4.68 2.88
N THR A 34 -0.88 -3.66 2.46
CA THR A 34 0.27 -3.17 3.28
C THR A 34 0.01 -1.72 3.69
N TRP A 35 0.22 -1.39 4.93
CA TRP A 35 -0.04 0.01 5.37
C TRP A 35 0.90 0.96 4.63
N GLN A 36 2.08 0.52 4.31
CA GLN A 36 3.05 1.40 3.58
C GLN A 36 4.29 0.61 3.20
N ASP A 37 5.28 1.28 2.64
CA ASP A 37 6.53 0.56 2.24
C ASP A 37 6.19 -0.63 1.34
N PRO A 38 5.41 -0.36 0.31
CA PRO A 38 5.03 -1.45 -0.63
C PRO A 38 6.20 -1.83 -1.52
N ARG A 39 6.00 -2.73 -2.44
CA ARG A 39 7.11 -3.15 -3.34
C ARG A 39 8.34 -3.57 -2.52
N LYS A 40 8.11 -4.07 -1.33
CA LYS A 40 9.26 -4.49 -0.48
C LYS A 40 8.76 -5.27 0.74
C ACE B 1 -1.05 -6.14 13.09
O ACE B 1 -0.09 -6.31 12.36
CH3 ACE B 1 -1.22 -6.96 14.37
H1 ACE B 1 -0.44 -6.71 15.07
H2 ACE B 1 -1.16 -8.02 14.12
H3 ACE B 1 -2.18 -6.75 14.80
N PRO B 2 -1.99 -5.26 12.86
CA PRO B 2 -3.35 -5.73 12.49
C PRO B 2 -3.51 -5.76 10.97
N LEU B 3 -2.49 -6.16 10.26
CA LEU B 3 -2.58 -6.19 8.76
C LEU B 3 -3.88 -6.90 8.33
N PRO B 4 -4.73 -6.15 7.66
CA PRO B 4 -6.03 -6.72 7.19
C PRO B 4 -5.82 -7.73 6.05
N PRO B 5 -6.71 -8.69 5.97
CA PRO B 5 -6.61 -9.71 4.89
C PRO B 5 -7.11 -9.13 3.57
N TYR B 6 -7.42 -9.97 2.61
CA TYR B 6 -7.92 -9.45 1.31
C TYR B 6 -9.09 -10.32 0.81
N PHE A 1 12.32 7.56 8.72
CA PHE A 1 11.01 6.87 8.62
C PHE A 1 9.97 7.79 8.01
N GLU A 2 10.17 9.08 8.09
CA GLU A 2 9.19 10.03 7.52
C GLU A 2 8.92 9.71 6.05
N ILE A 3 7.69 9.53 5.68
CA ILE A 3 7.37 9.21 4.26
C ILE A 3 6.96 10.49 3.50
N PRO A 4 7.86 11.01 2.71
CA PRO A 4 7.56 12.24 1.94
C PRO A 4 6.56 11.94 0.81
N ASP A 5 6.41 12.84 -0.13
CA ASP A 5 5.47 12.60 -1.24
C ASP A 5 6.18 12.73 -2.59
N ASP A 6 7.09 11.83 -2.88
CA ASP A 6 7.82 11.90 -4.17
C ASP A 6 7.10 11.04 -5.23
N VAL A 7 7.39 9.77 -5.27
CA VAL A 7 6.73 8.89 -6.27
C VAL A 7 5.59 8.10 -5.62
N PRO A 8 4.57 7.82 -6.40
CA PRO A 8 3.41 7.07 -5.88
C PRO A 8 3.72 5.56 -5.88
N LEU A 9 2.71 4.74 -5.86
CA LEU A 9 2.95 3.26 -5.87
C LEU A 9 2.92 2.73 -7.31
N PRO A 10 3.40 1.52 -7.49
CA PRO A 10 3.42 0.92 -8.84
C PRO A 10 2.00 0.53 -9.28
N ALA A 11 1.77 0.42 -10.56
CA ALA A 11 0.41 0.06 -11.05
C ALA A 11 -0.10 -1.19 -10.34
N GLY A 12 -1.38 -1.43 -10.40
CA GLY A 12 -1.96 -2.64 -9.73
C GLY A 12 -2.07 -2.40 -8.22
N TRP A 13 -1.92 -1.18 -7.77
CA TRP A 13 -2.01 -0.90 -6.31
C TRP A 13 -3.17 0.05 -6.01
N GLU A 14 -3.78 -0.08 -4.86
CA GLU A 14 -4.92 0.82 -4.51
C GLU A 14 -4.76 1.37 -3.10
N MET A 15 -4.07 2.48 -2.94
CA MET A 15 -3.94 3.04 -1.57
C MET A 15 -5.33 3.43 -1.07
N ALA A 16 -5.72 2.92 0.04
CA ALA A 16 -7.06 3.25 0.58
C ALA A 16 -7.03 3.13 2.11
N LYS A 17 -7.85 2.31 2.72
CA LYS A 17 -7.78 2.23 4.22
C LYS A 17 -8.30 0.90 4.75
N THR A 18 -7.93 0.57 5.96
CA THR A 18 -8.40 -0.71 6.57
C THR A 18 -8.68 -0.52 8.06
N SER A 19 -8.81 -1.60 8.78
CA SER A 19 -9.08 -1.51 10.25
C SER A 19 -10.17 -0.46 10.56
N SER A 20 -9.79 0.76 10.82
CA SER A 20 -10.82 1.80 11.13
C SER A 20 -10.26 3.19 10.83
N GLY A 21 -9.03 3.42 11.19
CA GLY A 21 -8.42 4.76 10.93
C GLY A 21 -6.95 4.58 10.54
N GLN A 22 -6.71 4.10 9.34
CA GLN A 22 -5.30 3.90 8.90
C GLN A 22 -5.25 3.61 7.39
N ARG A 23 -4.49 4.36 6.65
CA ARG A 23 -4.42 4.12 5.18
C ARG A 23 -3.69 2.83 4.90
N TYR A 24 -4.24 2.03 4.02
CA TYR A 24 -3.55 0.79 3.65
C TYR A 24 -3.44 0.73 2.14
N PHE A 25 -2.68 -0.18 1.65
CA PHE A 25 -2.50 -0.25 0.19
C PHE A 25 -2.91 -1.62 -0.30
N LEU A 26 -4.04 -1.65 -0.95
CA LEU A 26 -4.59 -2.92 -1.47
C LEU A 26 -3.87 -3.33 -2.75
N ASN A 27 -3.04 -4.33 -2.66
CA ASN A 27 -2.27 -4.79 -3.84
C ASN A 27 -3.12 -5.74 -4.68
N HIS A 28 -3.56 -5.29 -5.83
CA HIS A 28 -4.40 -6.15 -6.70
C HIS A 28 -3.50 -7.06 -7.56
N ILE A 29 -2.21 -6.96 -7.43
CA ILE A 29 -1.31 -7.84 -8.24
C ILE A 29 -1.06 -9.12 -7.44
N ASP A 30 -0.49 -8.97 -6.27
CA ASP A 30 -0.24 -10.15 -5.41
C ASP A 30 -1.38 -10.33 -4.41
N GLN A 31 -2.48 -9.64 -4.61
CA GLN A 31 -3.64 -9.77 -3.66
C GLN A 31 -3.16 -9.63 -2.22
N THR A 32 -2.84 -8.45 -1.80
CA THR A 32 -2.37 -8.26 -0.39
C THR A 32 -2.61 -6.82 0.08
N THR A 33 -2.36 -6.54 1.33
CA THR A 33 -2.58 -5.15 1.83
C THR A 33 -1.43 -4.73 2.74
N THR A 34 -0.83 -3.61 2.47
CA THR A 34 0.28 -3.14 3.34
C THR A 34 -0.04 -1.72 3.82
N TRP A 35 0.58 -1.27 4.88
CA TRP A 35 0.27 0.10 5.38
C TRP A 35 1.25 1.11 4.77
N GLN A 36 2.51 0.77 4.75
CA GLN A 36 3.52 1.71 4.16
C GLN A 36 3.69 1.43 2.66
N ASP A 37 4.03 2.44 1.91
CA ASP A 37 4.20 2.23 0.43
C ASP A 37 5.47 1.42 0.16
N PRO A 38 5.41 0.60 -0.86
CA PRO A 38 6.58 -0.26 -1.21
C PRO A 38 7.69 0.60 -1.84
N ARG A 39 8.67 -0.03 -2.42
CA ARG A 39 9.78 0.74 -3.05
C ARG A 39 10.37 1.74 -2.03
N LYS A 40 10.21 1.47 -0.76
CA LYS A 40 10.77 2.39 0.26
C LYS A 40 11.71 1.64 1.21
C ACE B 1 -4.42 -9.83 11.92
O ACE B 1 -4.10 -10.49 10.96
CH3 ACE B 1 -5.75 -10.06 12.63
H1 ACE B 1 -6.54 -10.17 11.91
H2 ACE B 1 -5.96 -9.22 13.28
H3 ACE B 1 -5.68 -10.96 13.23
N PRO B 2 -3.67 -8.88 12.42
CA PRO B 2 -3.83 -7.48 11.92
C PRO B 2 -3.71 -7.45 10.39
N LEU B 3 -3.82 -6.29 9.80
CA LEU B 3 -3.72 -6.17 8.31
C LEU B 3 -4.84 -6.97 7.63
N PRO B 4 -5.53 -6.34 6.71
CA PRO B 4 -6.63 -7.03 5.99
C PRO B 4 -6.06 -8.06 5.00
N PRO B 5 -6.50 -9.29 5.10
CA PRO B 5 -6.01 -10.35 4.20
C PRO B 5 -6.59 -10.16 2.80
N TYR B 6 -5.77 -10.31 1.79
CA TYR B 6 -6.27 -10.13 0.39
C TYR B 6 -5.77 -11.27 -0.50
N PHE A 1 17.35 15.78 -0.23
CA PHE A 1 16.66 14.85 -1.18
C PHE A 1 17.59 13.70 -1.55
N GLU A 2 17.14 12.49 -1.39
CA GLU A 2 18.00 11.32 -1.74
C GLU A 2 17.63 10.77 -3.13
N ILE A 3 16.38 10.46 -3.34
CA ILE A 3 15.97 9.93 -4.67
C ILE A 3 14.75 10.72 -5.19
N PRO A 4 14.53 10.63 -6.48
CA PRO A 4 13.38 11.35 -7.09
C PRO A 4 12.06 10.67 -6.72
N ASP A 5 12.07 9.37 -6.60
CA ASP A 5 10.82 8.64 -6.24
C ASP A 5 9.63 9.14 -7.06
N ASP A 6 9.55 8.78 -8.30
CA ASP A 6 8.41 9.23 -9.15
C ASP A 6 7.09 8.86 -8.48
N VAL A 7 6.87 7.60 -8.22
CA VAL A 7 5.60 7.17 -7.58
C VAL A 7 5.89 6.21 -6.41
N PRO A 8 5.09 6.32 -5.38
CA PRO A 8 5.27 5.43 -4.20
C PRO A 8 4.84 4.00 -4.52
N LEU A 9 3.67 3.84 -5.09
CA LEU A 9 3.20 2.47 -5.42
C LEU A 9 3.11 2.31 -6.95
N PRO A 10 3.53 1.16 -7.43
CA PRO A 10 3.50 0.91 -8.89
C PRO A 10 2.05 0.68 -9.37
N ALA A 11 1.88 0.11 -10.53
CA ALA A 11 0.50 -0.13 -11.05
C ALA A 11 -0.16 -1.29 -10.30
N GLY A 12 -1.43 -1.51 -10.53
CA GLY A 12 -2.13 -2.62 -9.83
C GLY A 12 -2.17 -2.35 -8.32
N TRP A 13 -1.87 -1.15 -7.91
CA TRP A 13 -1.88 -0.83 -6.45
C TRP A 13 -3.01 0.13 -6.12
N GLU A 14 -3.60 0.03 -4.95
CA GLU A 14 -4.71 0.96 -4.59
C GLU A 14 -4.60 1.41 -3.13
N MET A 15 -4.04 2.57 -2.88
CA MET A 15 -4.00 3.04 -1.47
C MET A 15 -5.43 3.20 -0.99
N ALA A 16 -5.81 2.44 -0.03
CA ALA A 16 -7.21 2.50 0.47
C ALA A 16 -7.20 2.58 1.99
N LYS A 17 -8.32 2.42 2.63
CA LYS A 17 -8.33 2.52 4.11
C LYS A 17 -8.85 1.24 4.76
N THR A 18 -8.20 0.82 5.80
CA THR A 18 -8.63 -0.42 6.49
C THR A 18 -8.75 -0.17 8.00
N SER A 19 -8.76 -1.22 8.78
CA SER A 19 -8.87 -1.07 10.27
C SER A 19 -9.92 -0.01 10.64
N SER A 20 -9.70 0.73 11.71
CA SER A 20 -10.70 1.76 12.10
C SER A 20 -10.22 3.15 11.65
N GLY A 21 -8.94 3.30 11.42
CA GLY A 21 -8.42 4.62 10.98
C GLY A 21 -6.97 4.46 10.51
N GLN A 22 -6.76 4.13 9.27
CA GLN A 22 -5.37 3.95 8.76
C GLN A 22 -5.39 3.66 7.25
N ARG A 23 -4.58 4.34 6.48
CA ARG A 23 -4.56 4.08 5.02
C ARG A 23 -3.68 2.89 4.69
N TYR A 24 -4.21 1.91 4.04
CA TYR A 24 -3.37 0.75 3.65
C TYR A 24 -3.22 0.78 2.14
N PHE A 25 -2.51 -0.16 1.62
CA PHE A 25 -2.31 -0.17 0.16
C PHE A 25 -2.72 -1.53 -0.38
N LEU A 26 -3.90 -1.57 -0.92
CA LEU A 26 -4.47 -2.83 -1.46
C LEU A 26 -3.70 -3.24 -2.72
N ASN A 27 -2.96 -4.31 -2.65
CA ASN A 27 -2.18 -4.77 -3.83
C ASN A 27 -3.04 -5.70 -4.69
N HIS A 28 -3.46 -5.23 -5.84
CA HIS A 28 -4.29 -6.08 -6.73
C HIS A 28 -3.40 -7.04 -7.54
N ILE A 29 -2.11 -6.94 -7.41
CA ILE A 29 -1.21 -7.87 -8.16
C ILE A 29 -0.93 -9.08 -7.27
N ASP A 30 -0.32 -8.85 -6.16
CA ASP A 30 -0.02 -9.98 -5.22
C ASP A 30 -1.25 -10.27 -4.34
N GLN A 31 -2.36 -9.62 -4.60
CA GLN A 31 -3.58 -9.86 -3.78
C GLN A 31 -3.26 -9.71 -2.29
N THR A 32 -2.95 -8.53 -1.85
CA THR A 32 -2.63 -8.34 -0.40
C THR A 32 -2.84 -6.88 0.02
N THR A 33 -2.53 -6.56 1.24
CA THR A 33 -2.70 -5.16 1.73
C THR A 33 -1.54 -4.75 2.62
N THR A 34 -0.78 -3.77 2.23
CA THR A 34 0.35 -3.32 3.10
C THR A 34 0.04 -1.92 3.63
N TRP A 35 0.44 -1.61 4.83
CA TRP A 35 0.14 -0.26 5.37
C TRP A 35 1.18 0.75 4.87
N GLN A 36 2.43 0.39 4.90
CA GLN A 36 3.49 1.32 4.42
C GLN A 36 3.47 1.39 2.89
N ASP A 37 4.52 1.90 2.30
CA ASP A 37 4.55 2.00 0.81
C ASP A 37 5.83 1.33 0.27
N PRO A 38 5.70 0.69 -0.87
CA PRO A 38 6.86 0.00 -1.48
C PRO A 38 7.85 1.02 -2.06
N ARG A 39 9.03 0.59 -2.40
CA ARG A 39 10.04 1.54 -2.96
C ARG A 39 10.21 2.74 -2.02
N LYS A 40 10.72 3.83 -2.53
CA LYS A 40 10.92 5.04 -1.68
C LYS A 40 11.23 6.26 -2.54
C ACE B 1 -3.06 -9.55 11.79
O ACE B 1 -3.57 -10.16 10.86
CH3 ACE B 1 -3.12 -10.12 13.21
H1 ACE B 1 -3.99 -10.74 13.32
H2 ACE B 1 -3.16 -9.31 13.92
H3 ACE B 1 -2.23 -10.71 13.39
N PRO B 2 -2.46 -8.40 11.68
CA PRO B 2 -3.27 -7.15 11.68
C PRO B 2 -3.58 -6.71 10.24
N LEU B 3 -2.72 -7.04 9.32
CA LEU B 3 -2.98 -6.63 7.90
C LEU B 3 -4.34 -7.18 7.45
N PRO B 4 -5.07 -6.37 6.71
CA PRO B 4 -6.41 -6.80 6.22
C PRO B 4 -6.25 -7.82 5.09
N PRO B 5 -7.17 -8.76 5.05
CA PRO B 5 -7.12 -9.81 3.99
C PRO B 5 -7.55 -9.22 2.64
N TYR B 6 -7.85 -10.05 1.69
CA TYR B 6 -8.27 -9.54 0.35
C TYR B 6 -9.47 -10.34 -0.17
N PHE A 1 20.63 -2.83 -2.74
CA PHE A 1 19.60 -2.67 -3.82
C PHE A 1 18.22 -3.09 -3.29
N GLU A 2 17.44 -2.14 -2.86
CA GLU A 2 16.08 -2.49 -2.33
C GLU A 2 15.00 -1.93 -3.28
N ILE A 3 15.23 -0.80 -3.86
CA ILE A 3 14.22 -0.21 -4.78
C ILE A 3 14.76 -0.20 -6.23
N PRO A 4 13.88 -0.46 -7.17
CA PRO A 4 14.30 -0.49 -8.59
C PRO A 4 14.39 0.92 -9.18
N ASP A 5 13.30 1.44 -9.70
CA ASP A 5 13.35 2.81 -10.29
C ASP A 5 12.88 3.86 -9.28
N ASP A 6 13.16 3.66 -8.02
CA ASP A 6 12.73 4.66 -6.99
C ASP A 6 11.24 4.96 -7.14
N VAL A 7 10.40 3.97 -6.92
CA VAL A 7 8.93 4.20 -7.04
C VAL A 7 8.20 3.67 -5.80
N PRO A 8 7.21 4.40 -5.36
CA PRO A 8 6.43 3.97 -4.16
C PRO A 8 5.51 2.79 -4.52
N LEU A 9 4.32 3.06 -4.98
CA LEU A 9 3.39 1.96 -5.33
C LEU A 9 3.31 1.79 -6.85
N PRO A 10 3.68 0.63 -7.34
CA PRO A 10 3.64 0.37 -8.80
C PRO A 10 2.19 0.23 -9.29
N ALA A 11 1.99 -0.34 -10.44
CA ALA A 11 0.61 -0.49 -10.98
C ALA A 11 -0.14 -1.59 -10.20
N GLY A 12 -1.41 -1.73 -10.45
CA GLY A 12 -2.20 -2.79 -9.73
C GLY A 12 -2.24 -2.48 -8.22
N TRP A 13 -1.87 -1.30 -7.83
CA TRP A 13 -1.89 -0.94 -6.38
C TRP A 13 -3.02 0.04 -6.08
N GLU A 14 -3.62 -0.06 -4.92
CA GLU A 14 -4.73 0.87 -4.58
C GLU A 14 -4.60 1.40 -3.15
N MET A 15 -4.00 2.56 -2.98
CA MET A 15 -3.90 3.11 -1.61
C MET A 15 -5.30 3.48 -1.13
N ALA A 16 -5.70 2.96 -0.03
CA ALA A 16 -7.06 3.26 0.49
C ALA A 16 -7.03 3.08 2.01
N LYS A 17 -8.13 2.76 2.64
CA LYS A 17 -8.07 2.61 4.13
C LYS A 17 -8.63 1.27 4.57
N THR A 18 -8.28 0.85 5.76
CA THR A 18 -8.78 -0.46 6.26
C THR A 18 -9.46 -0.30 7.62
N SER A 19 -9.95 -1.39 8.17
CA SER A 19 -10.64 -1.32 9.48
C SER A 19 -9.65 -1.00 10.60
N SER A 20 -9.44 0.27 10.86
CA SER A 20 -8.49 0.68 11.94
C SER A 20 -8.40 2.20 12.01
N GLY A 21 -8.51 2.84 10.89
CA GLY A 21 -8.41 4.33 10.87
C GLY A 21 -7.11 4.73 10.20
N GLN A 22 -6.59 3.90 9.34
CA GLN A 22 -5.31 4.24 8.66
C GLN A 22 -5.37 3.89 7.17
N ARG A 23 -4.57 4.53 6.37
CA ARG A 23 -4.59 4.24 4.91
C ARG A 23 -3.74 3.02 4.61
N TYR A 24 -4.35 1.99 4.11
CA TYR A 24 -3.56 0.80 3.74
C TYR A 24 -3.40 0.77 2.23
N PHE A 25 -2.65 -0.15 1.75
CA PHE A 25 -2.43 -0.20 0.30
C PHE A 25 -2.84 -1.56 -0.22
N LEU A 26 -4.00 -1.59 -0.82
CA LEU A 26 -4.56 -2.85 -1.36
C LEU A 26 -3.82 -3.25 -2.63
N ASN A 27 -3.05 -4.30 -2.55
CA ASN A 27 -2.27 -4.75 -3.75
C ASN A 27 -3.12 -5.71 -4.58
N HIS A 28 -3.54 -5.27 -5.75
CA HIS A 28 -4.38 -6.15 -6.61
C HIS A 28 -3.48 -7.09 -7.43
N ILE A 29 -2.18 -6.95 -7.33
CA ILE A 29 -1.28 -7.87 -8.10
C ILE A 29 -1.01 -9.09 -7.24
N ASP A 30 -0.37 -8.88 -6.13
CA ASP A 30 -0.08 -10.02 -5.21
C ASP A 30 -1.26 -10.24 -4.25
N GLN A 31 -2.36 -9.55 -4.47
CA GLN A 31 -3.54 -9.72 -3.57
C GLN A 31 -3.13 -9.57 -2.11
N THR A 32 -2.89 -8.36 -1.66
CA THR A 32 -2.48 -8.18 -0.23
C THR A 32 -2.77 -6.74 0.23
N THR A 33 -2.50 -6.46 1.48
CA THR A 33 -2.74 -5.08 2.00
C THR A 33 -1.57 -4.63 2.87
N THR A 34 -0.84 -3.64 2.44
CA THR A 34 0.29 -3.14 3.26
C THR A 34 0.01 -1.71 3.70
N TRP A 35 0.26 -1.38 4.93
CA TRP A 35 -0.02 0.01 5.40
C TRP A 35 0.91 0.99 4.68
N GLN A 36 2.12 0.60 4.43
CA GLN A 36 3.08 1.51 3.74
C GLN A 36 4.34 0.75 3.32
N ASP A 37 4.21 -0.52 3.05
CA ASP A 37 5.40 -1.33 2.64
C ASP A 37 5.12 -2.04 1.31
N PRO A 38 4.68 -1.29 0.33
CA PRO A 38 4.39 -1.88 -1.00
C PRO A 38 5.68 -2.27 -1.71
N ARG A 39 6.60 -1.36 -1.82
CA ARG A 39 7.89 -1.66 -2.51
C ARG A 39 8.93 -0.58 -2.22
N LYS A 40 8.83 0.06 -1.09
CA LYS A 40 9.81 1.13 -0.74
C LYS A 40 9.70 1.49 0.74
C ACE B 1 -1.98 -8.36 12.73
O ACE B 1 -3.10 -8.47 13.18
CH3 ACE B 1 -1.18 -9.60 12.33
H1 ACE B 1 -0.13 -9.41 12.49
H2 ACE B 1 -1.35 -9.81 11.28
H3 ACE B 1 -1.49 -10.44 12.92
N PRO B 2 -1.38 -7.22 12.56
CA PRO B 2 -2.18 -6.01 12.21
C PRO B 2 -2.21 -5.81 10.69
N LEU B 3 -3.17 -6.40 10.02
CA LEU B 3 -3.24 -6.23 8.54
C LEU B 3 -4.51 -6.91 8.01
N PRO B 4 -5.27 -6.20 7.20
CA PRO B 4 -6.51 -6.78 6.64
C PRO B 4 -6.18 -7.82 5.57
N PRO B 5 -6.98 -8.86 5.52
CA PRO B 5 -6.75 -9.94 4.52
C PRO B 5 -7.14 -9.46 3.11
N TYR B 6 -7.23 -10.36 2.17
CA TYR B 6 -7.61 -9.96 0.79
C TYR B 6 -7.91 -11.20 -0.05
N PHE A 1 19.27 9.72 5.69
CA PHE A 1 17.90 9.70 6.27
C PHE A 1 17.02 10.74 5.58
N GLU A 2 15.87 11.03 6.11
CA GLU A 2 14.96 12.03 5.48
C GLU A 2 14.73 11.68 4.01
N ILE A 3 14.56 10.42 3.71
CA ILE A 3 14.32 10.01 2.30
C ILE A 3 13.03 10.64 1.78
N PRO A 4 13.03 10.98 0.51
CA PRO A 4 11.83 11.59 -0.11
C PRO A 4 10.72 10.55 -0.29
N ASP A 5 9.66 10.91 -0.95
CA ASP A 5 8.55 9.94 -1.17
C ASP A 5 7.72 10.33 -2.39
N ASP A 6 8.36 10.84 -3.41
CA ASP A 6 7.61 11.25 -4.63
C ASP A 6 6.95 10.04 -5.29
N VAL A 7 7.54 8.88 -5.14
CA VAL A 7 6.95 7.66 -5.76
C VAL A 7 6.02 6.96 -4.76
N PRO A 8 4.73 6.99 -5.05
CA PRO A 8 3.75 6.36 -4.15
C PRO A 8 3.76 4.83 -4.33
N LEU A 9 3.02 4.32 -5.28
CA LEU A 9 2.99 2.84 -5.50
C LEU A 9 2.92 2.53 -7.01
N PRO A 10 3.40 1.37 -7.37
CA PRO A 10 3.39 0.97 -8.81
C PRO A 10 1.96 0.65 -9.26
N ALA A 11 1.83 0.01 -10.40
CA ALA A 11 0.47 -0.33 -10.91
C ALA A 11 -0.14 -1.48 -10.11
N GLY A 12 -1.39 -1.76 -10.32
CA GLY A 12 -2.05 -2.86 -9.57
C GLY A 12 -2.11 -2.53 -8.07
N TRP A 13 -1.85 -1.29 -7.72
CA TRP A 13 -1.88 -0.93 -6.27
C TRP A 13 -3.01 0.07 -5.99
N GLU A 14 -3.69 -0.08 -4.88
CA GLU A 14 -4.80 0.86 -4.58
C GLU A 14 -4.67 1.42 -3.16
N MET A 15 -4.08 2.58 -3.01
CA MET A 15 -3.99 3.17 -1.65
C MET A 15 -5.39 3.55 -1.18
N ALA A 16 -5.79 3.04 -0.07
CA ALA A 16 -7.14 3.35 0.45
C ALA A 16 -7.12 3.15 1.96
N LYS A 17 -8.23 2.84 2.59
CA LYS A 17 -8.18 2.67 4.07
C LYS A 17 -8.71 1.30 4.50
N THR A 18 -8.29 0.86 5.65
CA THR A 18 -8.76 -0.47 6.15
C THR A 18 -9.45 -0.34 7.51
N SER A 19 -9.91 -1.44 8.04
CA SER A 19 -10.60 -1.39 9.36
C SER A 19 -9.59 -1.12 10.48
N SER A 20 -9.36 0.11 10.79
CA SER A 20 -8.39 0.46 11.87
C SER A 20 -8.26 1.98 12.02
N GLY A 21 -8.38 2.68 10.92
CA GLY A 21 -8.27 4.17 10.97
C GLY A 21 -6.98 4.60 10.28
N GLN A 22 -6.51 3.80 9.35
CA GLN A 22 -5.25 4.16 8.64
C GLN A 22 -5.38 3.83 7.15
N ARG A 23 -4.62 4.51 6.32
CA ARG A 23 -4.69 4.24 4.86
C ARG A 23 -3.80 3.07 4.50
N TYR A 24 -4.38 2.02 4.00
CA TYR A 24 -3.55 0.86 3.59
C TYR A 24 -3.40 0.88 2.09
N PHE A 25 -2.66 -0.04 1.59
CA PHE A 25 -2.44 -0.08 0.14
C PHE A 25 -2.82 -1.47 -0.34
N LEU A 26 -3.99 -1.56 -0.89
CA LEU A 26 -4.49 -2.88 -1.35
C LEU A 26 -3.75 -3.29 -2.62
N ASN A 27 -2.89 -4.26 -2.48
CA ASN A 27 -2.09 -4.74 -3.65
C ASN A 27 -2.96 -5.65 -4.53
N HIS A 28 -3.38 -5.16 -5.66
CA HIS A 28 -4.23 -5.98 -6.58
C HIS A 28 -3.36 -6.94 -7.39
N ILE A 29 -2.07 -6.94 -7.20
CA ILE A 29 -1.18 -7.86 -7.96
C ILE A 29 -1.06 -9.16 -7.18
N ASP A 30 -0.55 -9.07 -6.00
CA ASP A 30 -0.41 -10.29 -5.15
C ASP A 30 -1.58 -10.38 -4.17
N GLN A 31 -2.64 -9.66 -4.42
CA GLN A 31 -3.82 -9.71 -3.50
C GLN A 31 -3.37 -9.56 -2.04
N THR A 32 -2.91 -8.40 -1.66
CA THR A 32 -2.46 -8.21 -0.26
C THR A 32 -2.71 -6.76 0.17
N THR A 33 -2.47 -6.44 1.42
CA THR A 33 -2.70 -5.05 1.89
C THR A 33 -1.57 -4.60 2.81
N THR A 34 -0.90 -3.53 2.49
CA THR A 34 0.19 -3.04 3.38
C THR A 34 -0.13 -1.62 3.82
N TRP A 35 0.39 -1.20 4.95
CA TRP A 35 0.09 0.18 5.43
C TRP A 35 1.14 1.15 4.87
N GLN A 36 2.38 0.77 4.90
CA GLN A 36 3.46 1.66 4.37
C GLN A 36 4.81 0.94 4.43
N ASP A 37 5.42 0.71 3.30
CA ASP A 37 6.75 0.02 3.28
C ASP A 37 7.28 -0.09 1.85
N PRO A 38 6.52 -0.74 0.99
CA PRO A 38 6.96 -0.91 -0.42
C PRO A 38 6.85 0.43 -1.16
N ARG A 39 7.88 0.79 -1.90
CA ARG A 39 7.83 2.07 -2.65
C ARG A 39 7.49 3.23 -1.71
N LYS A 40 8.43 3.68 -0.93
CA LYS A 40 8.16 4.79 0.01
C LYS A 40 8.01 6.11 -0.77
C ACE B 1 0.08 -5.93 12.62
O ACE B 1 1.01 -5.97 11.84
CH3 ACE B 1 0.15 -6.66 13.96
H1 ACE B 1 0.90 -7.45 13.90
H2 ACE B 1 -0.81 -7.09 14.18
H3 ACE B 1 0.43 -5.97 14.74
N PRO B 2 -1.03 -5.28 12.41
CA PRO B 2 -2.19 -5.99 11.81
C PRO B 2 -2.22 -5.80 10.30
N LEU B 3 -3.16 -6.41 9.64
CA LEU B 3 -3.25 -6.27 8.16
C LEU B 3 -4.50 -6.98 7.62
N PRO B 4 -5.27 -6.29 6.83
CA PRO B 4 -6.51 -6.89 6.26
C PRO B 4 -6.17 -7.93 5.20
N PRO B 5 -6.86 -9.04 5.23
CA PRO B 5 -6.59 -10.12 4.24
C PRO B 5 -7.15 -9.74 2.86
N TYR B 6 -6.47 -10.08 1.81
CA TYR B 6 -6.97 -9.74 0.45
C TYR B 6 -6.59 -10.84 -0.54
N PHE A 1 12.25 7.03 0.99
CA PHE A 1 12.29 7.92 -0.22
C PHE A 1 11.71 9.30 0.13
N GLU A 2 11.38 10.08 -0.86
CA GLU A 2 10.82 11.43 -0.60
C GLU A 2 9.91 11.86 -1.76
N ILE A 3 9.05 11.00 -2.22
CA ILE A 3 8.15 11.36 -3.35
C ILE A 3 8.97 11.88 -4.53
N PRO A 4 9.25 11.00 -5.47
CA PRO A 4 10.04 11.41 -6.66
C PRO A 4 9.20 12.30 -7.58
N ASP A 5 8.44 11.73 -8.49
CA ASP A 5 7.62 12.56 -9.41
C ASP A 5 6.23 12.77 -8.81
N ASP A 6 5.48 11.72 -8.64
CA ASP A 6 4.11 11.86 -8.07
C ASP A 6 3.50 10.48 -7.78
N VAL A 7 3.39 9.65 -8.78
CA VAL A 7 2.82 8.29 -8.57
C VAL A 7 3.57 7.58 -7.43
N PRO A 8 2.88 7.31 -6.34
CA PRO A 8 3.52 6.63 -5.19
C PRO A 8 3.74 5.14 -5.51
N LEU A 9 2.76 4.31 -5.25
CA LEU A 9 2.94 2.85 -5.53
C LEU A 9 2.81 2.59 -7.05
N PRO A 10 3.28 1.44 -7.47
CA PRO A 10 3.22 1.09 -8.91
C PRO A 10 1.78 0.76 -9.33
N ALA A 11 1.60 0.26 -10.51
CA ALA A 11 0.23 -0.07 -10.99
C ALA A 11 -0.31 -1.30 -10.25
N GLY A 12 -1.57 -1.60 -10.42
CA GLY A 12 -2.16 -2.78 -9.74
C GLY A 12 -2.22 -2.54 -8.22
N TRP A 13 -1.97 -1.34 -7.79
CA TRP A 13 -2.01 -1.06 -6.32
C TRP A 13 -3.20 -0.16 -5.97
N GLU A 14 -3.68 -0.23 -4.75
CA GLU A 14 -4.84 0.61 -4.37
C GLU A 14 -4.63 1.28 -3.01
N MET A 15 -3.94 2.39 -2.96
CA MET A 15 -3.78 3.06 -1.65
C MET A 15 -5.15 3.48 -1.17
N ALA A 16 -5.57 2.98 -0.05
CA ALA A 16 -6.92 3.32 0.46
C ALA A 16 -6.90 3.21 2.00
N LYS A 17 -7.74 2.41 2.61
CA LYS A 17 -7.69 2.34 4.09
C LYS A 17 -8.34 1.07 4.64
N THR A 18 -8.00 0.74 5.86
CA THR A 18 -8.58 -0.47 6.49
C THR A 18 -8.72 -0.26 8.00
N SER A 19 -8.82 -1.31 8.75
CA SER A 19 -8.95 -1.16 10.24
C SER A 19 -10.02 -0.11 10.59
N SER A 20 -9.83 0.61 11.66
CA SER A 20 -10.84 1.64 12.04
C SER A 20 -10.36 3.04 11.64
N GLY A 21 -9.11 3.19 11.30
CA GLY A 21 -8.59 4.53 10.90
C GLY A 21 -7.11 4.43 10.51
N GLN A 22 -6.84 4.11 9.28
CA GLN A 22 -5.41 4.01 8.83
C GLN A 22 -5.36 3.69 7.34
N ARG A 23 -4.52 4.39 6.60
CA ARG A 23 -4.44 4.12 5.14
C ARG A 23 -3.73 2.79 4.89
N TYR A 24 -4.23 2.04 3.96
CA TYR A 24 -3.57 0.76 3.61
C TYR A 24 -3.45 0.68 2.12
N PHE A 25 -2.70 -0.24 1.65
CA PHE A 25 -2.49 -0.34 0.19
C PHE A 25 -2.91 -1.71 -0.31
N LEU A 26 -4.05 -1.73 -0.92
CA LEU A 26 -4.62 -2.99 -1.47
C LEU A 26 -3.90 -3.34 -2.76
N ASN A 27 -3.07 -4.36 -2.72
CA ASN A 27 -2.32 -4.75 -3.94
C ASN A 27 -3.15 -5.73 -4.79
N HIS A 28 -3.57 -5.30 -5.96
CA HIS A 28 -4.37 -6.21 -6.84
C HIS A 28 -3.45 -7.20 -7.54
N ILE A 29 -2.17 -6.93 -7.57
CA ILE A 29 -1.22 -7.88 -8.25
C ILE A 29 -0.90 -9.00 -7.28
N ASP A 30 -0.24 -8.68 -6.21
CA ASP A 30 0.09 -9.71 -5.19
C ASP A 30 -1.14 -10.04 -4.34
N GLN A 31 -2.25 -9.37 -4.59
CA GLN A 31 -3.49 -9.65 -3.79
C GLN A 31 -3.17 -9.53 -2.30
N THR A 32 -2.88 -8.35 -1.83
CA THR A 32 -2.56 -8.21 -0.37
C THR A 32 -2.80 -6.76 0.10
N THR A 33 -2.52 -6.49 1.34
CA THR A 33 -2.73 -5.11 1.87
C THR A 33 -1.54 -4.69 2.73
N THR A 34 -0.76 -3.75 2.28
CA THR A 34 0.39 -3.29 3.13
C THR A 34 0.14 -1.85 3.57
N TRP A 35 0.36 -1.54 4.81
CA TRP A 35 0.12 -0.15 5.28
C TRP A 35 1.06 0.82 4.54
N GLN A 36 2.30 0.44 4.40
CA GLN A 36 3.27 1.33 3.70
C GLN A 36 4.62 0.62 3.56
N ASP A 37 5.36 0.92 2.52
CA ASP A 37 6.69 0.28 2.33
C ASP A 37 7.37 0.80 1.06
N PRO A 38 6.73 0.63 -0.06
CA PRO A 38 7.30 1.11 -1.35
C PRO A 38 7.26 2.65 -1.42
N ARG A 39 6.18 3.21 -1.88
CA ARG A 39 6.10 4.69 -1.97
C ARG A 39 4.97 5.22 -1.08
N LYS A 40 5.06 6.44 -0.64
CA LYS A 40 4.00 7.01 0.23
C LYS A 40 3.74 6.09 1.43
C ACE B 1 -3.11 -8.88 12.79
O ACE B 1 -3.48 -9.03 13.94
CH3 ACE B 1 -3.62 -9.80 11.68
H1 ACE B 1 -4.45 -10.37 12.03
H2 ACE B 1 -2.82 -10.47 11.37
H3 ACE B 1 -3.92 -9.20 10.83
N PRO B 2 -2.27 -7.96 12.41
CA PRO B 2 -2.75 -6.56 12.23
C PRO B 2 -3.11 -6.32 10.76
N LEU B 3 -2.21 -6.63 9.86
CA LEU B 3 -2.50 -6.40 8.42
C LEU B 3 -3.84 -7.07 8.03
N PRO B 4 -4.69 -6.32 7.37
CA PRO B 4 -6.01 -6.87 6.96
C PRO B 4 -5.85 -7.86 5.80
N PRO B 5 -6.57 -8.96 5.87
CA PRO B 5 -6.50 -9.98 4.80
C PRO B 5 -7.23 -9.50 3.55
N TYR B 6 -6.59 -9.57 2.41
CA TYR B 6 -7.27 -9.10 1.16
C TYR B 6 -8.53 -9.94 0.91
#